data_4L1O
#
_entry.id   4L1O
#
_cell.length_a   61.257
_cell.length_b   86.396
_cell.length_c   170.225
_cell.angle_alpha   90.00
_cell.angle_beta   90.00
_cell.angle_gamma   90.00
#
_symmetry.space_group_name_H-M   'P 21 21 21'
#
loop_
_entity.id
_entity.type
_entity.pdbx_description
1 polymer 'Aldehyde dehydrogenase'
2 non-polymer (3S)-1-{[4-(1,3-benzodioxol-5-ylmethyl)piperazin-1-yl]methyl}-3-hydroxy-1,3-dihydro-2H-indol-2-one
3 non-polymer 'POTASSIUM ION'
4 non-polymer 'ACETATE ION'
5 water water
#
_entity_poly.entity_id   1
_entity_poly.type   'polypeptide(L)'
_entity_poly.pdbx_seq_one_letter_code
;HHHHHHSSGLVPRGSHMSKISEAVKRARAAFSSGRTRPLQFRIQQLEALQRLIQEQEQELVGALAADLHKNEWNAYYEEV
VYVLEEIEYMIQKLPEWAADEPVEKTPQTQQDELYIHSEPLGVVLVIGTWNYPFNLTIQPMVGAIAAGNAVVLKPSELSE
NMASLLATIIPQYLDKDLYPVINGGVPETTELLKERFDHILYTGSTGVGKIIMTAAAKHLTPVTLELGGKSPCYVDKNCD
LDVACRRIAWGKFMNSGQTCVAPDYILCDPSIQNQIVEKLKKSLKEFYGEDAKKSRDYGRIISARHFQRVMGLIEGQKVA
YGGTGDAATRYIAPTILTDVDPQSPVMQEEIFGPVLPIVCVRSLEEAIQFINQREKPLALYMFSSNDKVIKKMIAETSSG
GVAANDVIVHITLHSLPFGGVGNSGMGSYHGKKSFETFSHRRSCLVRPLMNDEGLKVRYPPSPAKMTQH
;
_entity_poly.pdbx_strand_id   A,B
#
# COMPACT_ATOMS: atom_id res chain seq x y z
N SER A 18 -16.57 -4.16 26.43
CA SER A 18 -15.36 -3.67 27.16
C SER A 18 -15.11 -2.19 26.90
N LYS A 19 -14.15 -1.61 27.61
CA LYS A 19 -13.85 -0.18 27.47
C LYS A 19 -13.08 0.11 26.16
N ILE A 20 -12.37 -0.90 25.66
CA ILE A 20 -11.68 -0.79 24.38
C ILE A 20 -12.69 -0.80 23.25
N SER A 21 -13.67 -1.70 23.32
CA SER A 21 -14.74 -1.76 22.34
C SER A 21 -15.58 -0.47 22.31
N GLU A 22 -15.86 0.10 23.48
CA GLU A 22 -16.68 1.30 23.57
C GLU A 22 -15.96 2.50 22.99
N ALA A 23 -14.64 2.57 23.21
CA ALA A 23 -13.81 3.61 22.62
C ALA A 23 -13.82 3.55 21.10
N VAL A 24 -13.57 2.35 20.56
CA VAL A 24 -13.57 2.15 19.12
C VAL A 24 -14.94 2.44 18.50
N LYS A 25 -16.00 2.01 19.17
CA LYS A 25 -17.38 2.30 18.75
C LYS A 25 -17.64 3.81 18.67
N ARG A 26 -17.29 4.53 19.73
CA ARG A 26 -17.51 5.98 19.79
C ARG A 26 -16.73 6.71 18.70
N ALA A 27 -15.50 6.27 18.46
CA ALA A 27 -14.69 6.85 17.39
C ALA A 27 -15.31 6.61 16.01
N ARG A 28 -15.86 5.42 15.78
CA ARG A 28 -16.50 5.13 14.49
C ARG A 28 -17.82 5.87 14.34
N ALA A 29 -18.60 5.95 15.41
CA ALA A 29 -19.86 6.68 15.38
C ALA A 29 -19.60 8.16 15.09
N ALA A 30 -18.56 8.72 15.71
CA ALA A 30 -18.15 10.09 15.43
C ALA A 30 -17.72 10.26 13.98
N PHE A 31 -16.93 9.33 13.45
CA PHE A 31 -16.53 9.44 12.04
C PHE A 31 -17.74 9.39 11.09
N SER A 32 -18.63 8.44 11.32
N SER A 32 -18.63 8.43 11.31
CA SER A 32 -19.80 8.24 10.46
CA SER A 32 -19.80 8.24 10.46
C SER A 32 -20.75 9.45 10.47
C SER A 32 -20.75 9.44 10.47
N SER A 33 -20.67 10.28 11.51
CA SER A 33 -21.47 11.52 11.59
C SER A 33 -21.12 12.58 10.54
N GLY A 34 -19.93 12.50 9.94
CA GLY A 34 -19.47 13.49 8.95
C GLY A 34 -18.63 14.61 9.56
N ARG A 35 -18.41 14.56 10.86
CA ARG A 35 -17.72 15.62 11.61
C ARG A 35 -16.31 15.93 11.08
N THR A 36 -15.59 14.90 10.64
CA THR A 36 -14.19 15.07 10.20
C THR A 36 -14.05 15.49 8.74
N ARG A 37 -15.16 15.54 8.00
CA ARG A 37 -15.09 15.76 6.56
C ARG A 37 -14.69 17.20 6.17
N PRO A 38 -15.31 18.23 6.77
CA PRO A 38 -14.84 19.57 6.39
C PRO A 38 -13.38 19.85 6.81
N LEU A 39 -12.61 20.47 5.93
CA LEU A 39 -11.21 20.71 6.21
C LEU A 39 -11.00 21.60 7.43
N GLN A 40 -11.89 22.56 7.64
CA GLN A 40 -11.84 23.44 8.80
C GLN A 40 -11.78 22.63 10.11
N PHE A 41 -12.58 21.58 10.23
CA PHE A 41 -12.56 20.75 11.43
C PHE A 41 -11.21 20.09 11.62
N ARG A 42 -10.66 19.54 10.55
CA ARG A 42 -9.37 18.86 10.61
C ARG A 42 -8.24 19.82 11.02
N ILE A 43 -8.26 21.03 10.48
CA ILE A 43 -7.25 22.04 10.81
C ILE A 43 -7.36 22.53 12.26
N GLN A 44 -8.59 22.66 12.76
CA GLN A 44 -8.81 23.01 14.17
C GLN A 44 -8.16 21.97 15.08
N GLN A 45 -8.33 20.68 14.74
CA GLN A 45 -7.70 19.60 15.50
C GLN A 45 -6.17 19.63 15.43
N LEU A 46 -5.62 19.97 14.26
CA LEU A 46 -4.17 20.08 14.11
C LEU A 46 -3.64 21.29 14.88
N GLU A 47 -4.36 22.40 14.80
CA GLU A 47 -4.00 23.60 15.58
C GLU A 47 -4.06 23.33 17.08
N ALA A 48 -5.01 22.52 17.51
CA ALA A 48 -5.06 22.08 18.91
C ALA A 48 -3.81 21.27 19.28
N LEU A 49 -3.36 20.41 18.36
N LEU A 49 -3.36 20.43 18.36
CA LEU A 49 -2.11 19.67 18.54
CA LEU A 49 -2.12 19.67 18.52
C LEU A 49 -0.90 20.60 18.63
C LEU A 49 -0.89 20.58 18.61
N GLN A 50 -0.92 21.70 17.88
CA GLN A 50 0.15 22.70 17.97
C GLN A 50 0.18 23.34 19.35
N ARG A 51 -1.01 23.71 19.85
N ARG A 51 -1.01 23.73 19.84
CA ARG A 51 -1.15 24.28 21.18
CA ARG A 51 -1.14 24.27 21.19
C ARG A 51 -0.69 23.28 22.26
C ARG A 51 -0.66 23.27 22.24
N LEU A 52 -1.02 22.00 22.07
CA LEU A 52 -0.59 20.95 22.99
C LEU A 52 0.92 20.91 23.11
N ILE A 53 1.61 20.87 21.97
CA ILE A 53 3.07 20.81 21.93
C ILE A 53 3.72 22.02 22.61
N GLN A 54 3.17 23.21 22.36
CA GLN A 54 3.70 24.44 22.93
C GLN A 54 3.42 24.53 24.44
N GLU A 55 2.18 24.25 24.83
CA GLU A 55 1.76 24.38 26.24
C GLU A 55 2.29 23.27 27.14
N GLN A 56 2.62 22.11 26.58
CA GLN A 56 3.06 20.98 27.37
C GLN A 56 4.54 20.66 27.15
N GLU A 57 5.31 21.64 26.70
CA GLU A 57 6.73 21.42 26.36
C GLU A 57 7.53 20.78 27.51
N GLN A 58 7.38 21.31 28.72
CA GLN A 58 8.16 20.83 29.86
C GLN A 58 7.69 19.46 30.32
N GLU A 59 6.40 19.19 30.17
CA GLU A 59 5.85 17.89 30.51
C GLU A 59 6.35 16.82 29.52
N LEU A 60 6.49 17.19 28.26
CA LEU A 60 7.01 16.29 27.24
C LEU A 60 8.49 15.98 27.49
N VAL A 61 9.28 17.03 27.69
CA VAL A 61 10.69 16.89 28.06
C VAL A 61 10.87 16.01 29.32
N GLY A 62 10.04 16.26 30.34
CA GLY A 62 10.11 15.49 31.58
C GLY A 62 9.82 14.01 31.42
N ALA A 63 8.86 13.69 30.55
CA ALA A 63 8.50 12.30 30.26
C ALA A 63 9.60 11.61 29.47
N LEU A 64 10.12 12.31 28.46
CA LEU A 64 11.22 11.78 27.65
C LEU A 64 12.48 11.65 28.49
N ALA A 65 12.67 12.56 29.44
CA ALA A 65 13.81 12.48 30.35
C ALA A 65 13.71 11.22 31.22
N ALA A 66 12.53 10.96 31.77
CA ALA A 66 12.31 9.80 32.64
C ALA A 66 12.33 8.47 31.88
N ASP A 67 11.79 8.44 30.67
CA ASP A 67 11.71 7.19 29.89
C ASP A 67 13.06 6.81 29.26
N LEU A 68 13.73 7.80 28.68
CA LEU A 68 14.87 7.56 27.80
C LEU A 68 16.15 8.36 28.12
N HIS A 69 16.11 9.19 29.16
CA HIS A 69 17.24 10.03 29.55
C HIS A 69 17.55 11.07 28.47
N LYS A 70 16.49 11.58 27.84
CA LYS A 70 16.60 12.73 26.93
C LYS A 70 16.70 13.99 27.76
N ASN A 71 17.11 15.09 27.13
CA ASN A 71 17.14 16.40 27.79
C ASN A 71 16.30 17.41 27.02
N GLU A 72 16.21 18.63 27.55
CA GLU A 72 15.40 19.69 26.96
C GLU A 72 15.67 19.90 25.47
N TRP A 73 16.94 19.84 25.09
CA TRP A 73 17.35 20.16 23.73
C TRP A 73 17.01 19.05 22.75
N ASN A 74 17.46 17.83 23.01
CA ASN A 74 17.23 16.72 22.07
C ASN A 74 15.78 16.24 22.06
N ALA A 75 15.07 16.45 23.18
CA ALA A 75 13.63 16.25 23.22
C ALA A 75 12.95 16.96 22.05
N TYR A 76 13.32 18.23 21.86
CA TYR A 76 12.73 19.04 20.80
C TYR A 76 13.41 18.80 19.45
N TYR A 77 14.73 19.00 19.39
CA TYR A 77 15.45 19.01 18.11
C TYR A 77 15.74 17.65 17.49
N GLU A 78 15.48 16.55 18.22
CA GLU A 78 15.58 15.22 17.65
C GLU A 78 14.25 14.47 17.66
N GLU A 79 13.16 15.14 17.99
CA GLU A 79 11.85 14.47 18.05
C GLU A 79 10.66 15.40 17.86
N VAL A 80 10.42 16.30 18.82
CA VAL A 80 9.17 17.09 18.83
C VAL A 80 9.08 18.04 17.66
N VAL A 81 10.20 18.66 17.28
CA VAL A 81 10.19 19.61 16.16
C VAL A 81 9.64 19.00 14.88
N TYR A 82 9.98 17.73 14.62
CA TYR A 82 9.54 17.06 13.39
C TYR A 82 8.03 16.93 13.34
N VAL A 83 7.41 16.69 14.50
CA VAL A 83 5.95 16.68 14.59
C VAL A 83 5.36 18.06 14.28
N LEU A 84 5.99 19.12 14.80
CA LEU A 84 5.52 20.50 14.55
C LEU A 84 5.60 20.85 13.08
N GLU A 85 6.72 20.51 12.45
CA GLU A 85 6.94 20.80 11.04
C GLU A 85 5.96 20.05 10.16
N GLU A 86 5.63 18.82 10.55
CA GLU A 86 4.65 18.02 9.84
C GLU A 86 3.28 18.68 9.93
N ILE A 87 2.89 19.09 11.14
CA ILE A 87 1.61 19.76 11.35
C ILE A 87 1.50 21.04 10.51
N GLU A 88 2.53 21.89 10.60
CA GLU A 88 2.55 23.17 9.86
C GLU A 88 2.47 22.95 8.35
N TYR A 89 3.19 21.94 7.87
CA TYR A 89 3.23 21.61 6.46
C TYR A 89 1.88 21.09 5.95
N MET A 90 1.21 20.27 6.76
CA MET A 90 -0.05 19.66 6.35
C MET A 90 -1.22 20.64 6.38
N ILE A 91 -1.28 21.51 7.39
CA ILE A 91 -2.27 22.58 7.44
C ILE A 91 -2.20 23.40 6.15
N GLN A 92 -0.99 23.83 5.80
CA GLN A 92 -0.77 24.68 4.64
C GLN A 92 -1.12 23.98 3.31
N LYS A 93 -0.81 22.69 3.19
CA LYS A 93 -1.03 21.95 1.93
C LYS A 93 -2.39 21.24 1.82
N LEU A 94 -3.16 21.22 2.90
CA LEU A 94 -4.36 20.37 2.96
C LEU A 94 -5.37 20.65 1.84
N PRO A 95 -5.69 21.94 1.58
CA PRO A 95 -6.63 22.21 0.49
C PRO A 95 -6.19 21.64 -0.86
N GLU A 96 -4.92 21.82 -1.22
CA GLU A 96 -4.40 21.32 -2.50
C GLU A 96 -4.49 19.79 -2.58
N TRP A 97 -4.01 19.12 -1.54
CA TRP A 97 -4.01 17.66 -1.49
C TRP A 97 -5.41 17.04 -1.55
N ALA A 98 -6.35 17.67 -0.84
CA ALA A 98 -7.69 17.10 -0.69
C ALA A 98 -8.58 17.36 -1.90
N ALA A 99 -8.19 18.32 -2.75
CA ALA A 99 -8.99 18.68 -3.91
C ALA A 99 -9.04 17.52 -4.91
N ASP A 100 -10.16 17.37 -5.60
CA ASP A 100 -10.25 16.42 -6.69
C ASP A 100 -9.12 16.73 -7.69
N GLU A 101 -8.48 15.68 -8.18
CA GLU A 101 -7.30 15.80 -9.02
C GLU A 101 -7.62 15.35 -10.44
N PRO A 102 -7.72 16.29 -11.40
CA PRO A 102 -7.95 15.88 -12.78
C PRO A 102 -6.77 15.09 -13.33
N VAL A 103 -7.06 14.12 -14.20
CA VAL A 103 -6.02 13.28 -14.82
C VAL A 103 -6.11 13.35 -16.34
N GLU A 104 -5.13 12.77 -17.02
CA GLU A 104 -5.02 12.88 -18.48
C GLU A 104 -6.16 12.16 -19.19
N LYS A 105 -6.74 12.83 -20.19
CA LYS A 105 -7.80 12.27 -21.02
C LYS A 105 -7.25 11.61 -22.28
N THR A 106 -8.10 10.79 -22.91
CA THR A 106 -7.83 10.22 -24.22
C THR A 106 -8.81 10.86 -25.22
N PRO A 107 -8.55 10.73 -26.54
CA PRO A 107 -9.53 11.19 -27.53
C PRO A 107 -10.91 10.56 -27.34
N GLN A 108 -10.93 9.34 -26.78
CA GLN A 108 -12.16 8.62 -26.49
C GLN A 108 -12.94 9.20 -25.29
N THR A 109 -12.34 10.13 -24.56
CA THR A 109 -12.92 10.63 -23.30
C THR A 109 -12.87 12.16 -23.15
N GLN A 110 -12.91 12.87 -24.27
CA GLN A 110 -12.77 14.33 -24.26
C GLN A 110 -13.91 15.07 -23.57
N GLN A 111 -15.13 14.56 -23.70
CA GLN A 111 -16.31 15.22 -23.14
C GLN A 111 -16.61 14.75 -21.72
N ASP A 112 -15.79 13.85 -21.18
CA ASP A 112 -15.95 13.33 -19.82
C ASP A 112 -15.13 14.13 -18.81
N GLU A 113 -15.45 13.95 -17.54
CA GLU A 113 -14.58 14.37 -16.43
C GLU A 113 -13.87 13.14 -15.88
N LEU A 114 -12.54 13.22 -15.79
CA LEU A 114 -11.73 12.17 -15.20
C LEU A 114 -10.91 12.75 -14.06
N TYR A 115 -11.07 12.20 -12.85
CA TYR A 115 -10.33 12.70 -11.70
C TYR A 115 -10.21 11.70 -10.55
N ILE A 116 -9.20 11.93 -9.70
CA ILE A 116 -9.00 11.14 -8.50
C ILE A 116 -9.60 11.89 -7.32
N HIS A 117 -10.50 11.23 -6.61
CA HIS A 117 -11.19 11.81 -5.46
C HIS A 117 -10.62 11.19 -4.18
N SER A 118 -10.13 12.04 -3.28
CA SER A 118 -9.59 11.56 -2.00
C SER A 118 -10.66 11.60 -0.94
N GLU A 119 -10.68 10.57 -0.10
CA GLU A 119 -11.68 10.43 0.95
C GLU A 119 -11.08 9.61 2.09
N PRO A 120 -11.50 9.88 3.34
CA PRO A 120 -10.95 9.16 4.49
C PRO A 120 -11.17 7.65 4.42
N LEU A 121 -10.35 6.90 5.15
CA LEU A 121 -10.55 5.47 5.25
C LEU A 121 -11.57 5.12 6.33
N GLY A 122 -11.60 5.90 7.41
CA GLY A 122 -12.57 5.72 8.48
C GLY A 122 -11.94 5.90 9.84
N VAL A 123 -11.70 4.77 10.52
CA VAL A 123 -11.04 4.77 11.83
C VAL A 123 -9.66 4.13 11.67
N VAL A 124 -8.63 4.94 11.89
CA VAL A 124 -7.26 4.49 11.77
C VAL A 124 -6.71 4.13 13.14
N LEU A 125 -5.95 3.04 13.20
CA LEU A 125 -5.23 2.68 14.41
C LEU A 125 -3.74 2.96 14.22
N VAL A 126 -3.17 3.73 15.14
CA VAL A 126 -1.74 3.92 15.22
C VAL A 126 -1.22 3.22 16.47
N ILE A 127 -0.40 2.19 16.26
CA ILE A 127 0.28 1.53 17.36
C ILE A 127 1.66 2.16 17.46
N GLY A 128 1.90 2.93 18.52
CA GLY A 128 3.18 3.59 18.71
C GLY A 128 4.28 2.65 19.16
N THR A 129 5.52 3.15 19.17
CA THR A 129 6.64 2.43 19.75
C THR A 129 7.32 3.31 20.81
N TRP A 130 8.38 2.79 21.41
CA TRP A 130 8.91 3.34 22.67
C TRP A 130 10.13 4.24 22.54
N ASN A 131 10.88 4.11 21.45
CA ASN A 131 12.17 4.79 21.33
C ASN A 131 12.06 6.28 20.98
N TYR A 132 11.04 6.63 20.21
CA TYR A 132 10.67 8.02 19.97
C TYR A 132 9.17 8.09 20.18
N PRO A 133 8.75 8.05 21.45
CA PRO A 133 7.35 7.79 21.79
C PRO A 133 6.39 8.93 21.53
N PHE A 134 6.91 10.14 21.29
CA PHE A 134 6.05 11.24 20.89
C PHE A 134 5.96 11.28 19.37
N ASN A 135 7.10 11.26 18.70
CA ASN A 135 7.14 11.29 17.24
C ASN A 135 6.37 10.12 16.64
N LEU A 136 6.70 8.90 17.08
CA LEU A 136 6.17 7.69 16.47
C LEU A 136 4.74 7.33 16.89
N THR A 137 4.15 8.15 17.77
N THR A 137 4.17 8.19 17.71
CA THR A 137 2.71 8.08 18.04
CA THR A 137 2.80 8.08 18.17
C THR A 137 2.00 9.22 17.37
C THR A 137 1.95 9.22 17.55
N ILE A 138 2.48 10.44 17.59
CA ILE A 138 1.76 11.64 17.12
C ILE A 138 2.00 12.02 15.64
N GLN A 139 3.21 11.80 15.10
CA GLN A 139 3.43 12.18 13.70
C GLN A 139 2.56 11.38 12.72
N PRO A 140 2.42 10.06 12.92
CA PRO A 140 1.43 9.31 12.15
C PRO A 140 0.00 9.80 12.35
N MET A 141 -0.35 10.12 13.59
N MET A 141 -0.35 10.11 13.60
CA MET A 141 -1.68 10.60 13.95
CA MET A 141 -1.68 10.60 13.94
C MET A 141 -2.01 11.91 13.23
C MET A 141 -2.01 11.91 13.23
N VAL A 142 -1.02 12.80 13.09
CA VAL A 142 -1.17 14.05 12.35
C VAL A 142 -1.63 13.79 10.91
N GLY A 143 -0.98 12.83 10.25
CA GLY A 143 -1.35 12.46 8.88
C GLY A 143 -2.75 11.88 8.76
N ALA A 144 -3.11 11.01 9.70
CA ALA A 144 -4.41 10.36 9.70
C ALA A 144 -5.54 11.37 9.98
N ILE A 145 -5.30 12.30 10.91
CA ILE A 145 -6.22 13.42 11.15
C ILE A 145 -6.40 14.27 9.88
N ALA A 146 -5.28 14.61 9.24
CA ALA A 146 -5.31 15.41 8.02
C ALA A 146 -6.14 14.77 6.90
N ALA A 147 -6.13 13.45 6.85
CA ALA A 147 -6.90 12.70 5.85
C ALA A 147 -8.38 12.58 6.23
N GLY A 148 -8.77 13.08 7.41
CA GLY A 148 -10.18 13.08 7.83
C GLY A 148 -10.64 11.80 8.53
N ASN A 149 -9.70 11.04 9.09
CA ASN A 149 -10.03 9.84 9.83
C ASN A 149 -10.17 10.09 11.32
N ALA A 150 -10.94 9.24 11.99
CA ALA A 150 -10.81 9.05 13.44
C ALA A 150 -9.51 8.29 13.64
N VAL A 151 -8.83 8.55 14.74
CA VAL A 151 -7.55 7.90 14.98
C VAL A 151 -7.48 7.40 16.42
N VAL A 152 -7.37 6.08 16.56
CA VAL A 152 -7.24 5.46 17.85
C VAL A 152 -5.74 5.27 18.08
N LEU A 153 -5.29 5.60 19.29
CA LEU A 153 -3.87 5.60 19.59
C LEU A 153 -3.55 4.56 20.65
N LYS A 154 -2.58 3.70 20.37
CA LYS A 154 -2.05 2.74 21.35
C LYS A 154 -0.56 3.03 21.57
N PRO A 155 -0.22 3.80 22.62
CA PRO A 155 1.18 4.03 22.96
C PRO A 155 1.86 2.78 23.51
N SER A 156 3.18 2.71 23.37
CA SER A 156 3.95 1.61 23.96
C SER A 156 4.10 1.83 25.47
N GLU A 157 3.81 0.77 26.21
CA GLU A 157 3.97 0.75 27.66
C GLU A 157 5.43 0.79 28.12
N LEU A 158 6.37 0.45 27.23
CA LEU A 158 7.79 0.50 27.57
C LEU A 158 8.25 1.91 27.94
N SER A 159 7.77 2.91 27.20
N SER A 159 7.77 2.91 27.20
CA SER A 159 7.98 4.32 27.55
CA SER A 159 7.97 4.32 27.56
C SER A 159 6.80 4.78 28.40
C SER A 159 6.79 4.77 28.41
N GLU A 160 6.80 4.31 29.65
CA GLU A 160 5.67 4.45 30.58
C GLU A 160 5.22 5.88 30.85
N ASN A 161 6.17 6.78 31.03
CA ASN A 161 5.85 8.17 31.36
C ASN A 161 5.15 8.90 30.20
N MET A 162 5.66 8.76 28.99
CA MET A 162 5.00 9.34 27.80
C MET A 162 3.61 8.73 27.58
N ALA A 163 3.49 7.41 27.74
CA ALA A 163 2.20 6.73 27.65
C ALA A 163 1.16 7.42 28.54
N SER A 164 1.49 7.57 29.82
CA SER A 164 0.62 8.22 30.80
C SER A 164 0.34 9.67 30.47
N LEU A 165 1.37 10.41 30.07
CA LEU A 165 1.19 11.81 29.71
C LEU A 165 0.20 11.93 28.53
N LEU A 166 0.44 11.19 27.46
CA LEU A 166 -0.42 11.25 26.28
C LEU A 166 -1.88 10.90 26.60
N ALA A 167 -2.08 9.90 27.45
CA ALA A 167 -3.43 9.54 27.89
C ALA A 167 -4.16 10.72 28.55
N THR A 168 -3.40 11.55 29.27
CA THR A 168 -3.97 12.71 29.96
C THR A 168 -4.17 13.89 29.01
N ILE A 169 -3.14 14.24 28.24
CA ILE A 169 -3.16 15.49 27.47
C ILE A 169 -3.84 15.43 26.10
N ILE A 170 -3.86 14.26 25.45
CA ILE A 170 -4.54 14.16 24.16
C ILE A 170 -6.03 14.57 24.28
N PRO A 171 -6.80 13.91 25.16
CA PRO A 171 -8.20 14.30 25.27
C PRO A 171 -8.41 15.73 25.78
N GLN A 172 -7.42 16.28 26.49
CA GLN A 172 -7.54 17.66 26.97
CA GLN A 172 -7.49 17.66 26.98
C GLN A 172 -7.52 18.66 25.83
N TYR A 173 -6.87 18.32 24.71
CA TYR A 173 -6.77 19.22 23.55
C TYR A 173 -7.61 18.80 22.34
N LEU A 174 -7.78 17.50 22.12
CA LEU A 174 -8.47 17.02 20.92
C LEU A 174 -9.85 16.44 21.19
N ASP A 175 -10.63 16.28 20.12
CA ASP A 175 -11.93 15.62 20.17
C ASP A 175 -11.83 14.31 20.97
N LYS A 176 -12.66 14.16 22.00
CA LYS A 176 -12.57 13.02 22.91
C LYS A 176 -13.08 11.70 22.30
N ASP A 177 -14.02 11.79 21.36
CA ASP A 177 -14.55 10.59 20.70
C ASP A 177 -13.69 10.13 19.53
N LEU A 178 -13.24 11.08 18.71
CA LEU A 178 -12.55 10.75 17.47
C LEU A 178 -11.14 10.21 17.70
N TYR A 179 -10.50 10.66 18.78
CA TYR A 179 -9.06 10.47 18.94
C TYR A 179 -8.67 9.89 20.30
N PRO A 180 -9.23 8.71 20.66
CA PRO A 180 -9.00 8.14 21.99
C PRO A 180 -7.63 7.50 22.15
N VAL A 181 -7.17 7.46 23.40
CA VAL A 181 -5.92 6.82 23.76
C VAL A 181 -6.22 5.51 24.50
N ILE A 182 -5.69 4.41 23.98
CA ILE A 182 -5.89 3.09 24.59
C ILE A 182 -4.68 2.72 25.45
N ASN A 183 -4.93 2.57 26.75
CA ASN A 183 -3.88 2.23 27.72
C ASN A 183 -3.57 0.73 27.75
N GLY A 184 -2.47 0.38 28.40
CA GLY A 184 -2.14 -1.01 28.67
C GLY A 184 -0.95 -1.51 27.90
N GLY A 185 -0.74 -2.83 27.96
CA GLY A 185 0.42 -3.49 27.34
C GLY A 185 0.02 -4.46 26.26
N VAL A 186 0.68 -5.62 26.22
CA VAL A 186 0.48 -6.62 25.16
C VAL A 186 -0.93 -7.21 25.15
N PRO A 187 -1.48 -7.58 26.32
CA PRO A 187 -2.86 -8.09 26.30
C PRO A 187 -3.87 -7.10 25.73
N GLU A 188 -3.75 -5.82 26.09
CA GLU A 188 -4.68 -4.79 25.66
C GLU A 188 -4.52 -4.49 24.16
N THR A 189 -3.29 -4.59 23.67
CA THR A 189 -3.02 -4.43 22.24
C THR A 189 -3.66 -5.57 21.45
N THR A 190 -3.51 -6.80 21.95
CA THR A 190 -4.13 -8.00 21.35
C THR A 190 -5.65 -7.87 21.34
N GLU A 191 -6.20 -7.37 22.44
CA GLU A 191 -7.63 -7.09 22.54
C GLU A 191 -8.05 -6.03 21.54
N LEU A 192 -7.27 -4.96 21.45
CA LEU A 192 -7.52 -3.88 20.50
C LEU A 192 -7.48 -4.36 19.04
N LEU A 193 -6.58 -5.29 18.75
CA LEU A 193 -6.44 -5.83 17.38
C LEU A 193 -7.62 -6.69 16.91
N LYS A 194 -8.53 -7.05 17.81
CA LYS A 194 -9.76 -7.75 17.41
C LYS A 194 -10.82 -6.76 16.89
N GLU A 195 -10.64 -5.47 17.16
CA GLU A 195 -11.57 -4.45 16.71
C GLU A 195 -11.34 -4.16 15.23
N ARG A 196 -12.38 -3.72 14.54
CA ARG A 196 -12.29 -3.46 13.11
C ARG A 196 -11.86 -2.02 12.81
N PHE A 197 -10.69 -1.89 12.20
CA PHE A 197 -10.20 -0.60 11.73
C PHE A 197 -10.13 -0.57 10.22
N ASP A 198 -9.96 0.63 9.67
CA ASP A 198 -9.86 0.84 8.24
C ASP A 198 -8.41 1.05 7.78
N HIS A 199 -7.50 1.18 8.75
CA HIS A 199 -6.06 1.16 8.49
C HIS A 199 -5.31 0.97 9.80
N ILE A 200 -4.21 0.21 9.77
CA ILE A 200 -3.32 0.07 10.92
C ILE A 200 -1.90 0.48 10.57
N LEU A 201 -1.35 1.46 11.30
CA LEU A 201 0.06 1.77 11.21
C LEU A 201 0.73 1.27 12.46
N TYR A 202 1.79 0.48 12.27
CA TYR A 202 2.54 -0.08 13.38
C TYR A 202 4.02 0.19 13.15
N THR A 203 4.68 0.69 14.20
CA THR A 203 6.14 0.76 14.19
C THR A 203 6.64 -0.18 15.28
N GLY A 204 7.59 -1.05 14.93
CA GLY A 204 8.17 -1.94 15.93
C GLY A 204 9.02 -3.02 15.32
N SER A 205 8.77 -4.26 15.72
CA SER A 205 9.60 -5.38 15.28
C SER A 205 8.99 -6.16 14.12
N THR A 206 9.87 -6.81 13.36
CA THR A 206 9.51 -7.72 12.28
C THR A 206 8.53 -8.79 12.76
N GLY A 207 8.84 -9.42 13.88
CA GLY A 207 8.04 -10.51 14.43
C GLY A 207 6.62 -10.10 14.76
N VAL A 208 6.49 -9.01 15.51
CA VAL A 208 5.16 -8.47 15.84
C VAL A 208 4.45 -7.90 14.61
N GLY A 209 5.22 -7.37 13.64
CA GLY A 209 4.66 -6.90 12.38
C GLY A 209 3.80 -7.95 11.67
N LYS A 210 4.26 -9.20 11.73
CA LYS A 210 3.53 -10.33 11.16
C LYS A 210 2.24 -10.59 11.92
N ILE A 211 2.30 -10.44 13.23
CA ILE A 211 1.12 -10.58 14.09
C ILE A 211 0.09 -9.49 13.78
N ILE A 212 0.55 -8.27 13.51
CA ILE A 212 -0.33 -7.13 13.18
C ILE A 212 -1.04 -7.39 11.87
N MET A 213 -0.27 -7.80 10.87
CA MET A 213 -0.82 -8.04 9.55
C MET A 213 -1.81 -9.19 9.56
N THR A 214 -1.51 -10.22 10.33
CA THR A 214 -2.40 -11.37 10.48
C THR A 214 -3.74 -10.93 11.08
N ALA A 215 -3.69 -10.09 12.12
CA ALA A 215 -4.91 -9.58 12.75
C ALA A 215 -5.67 -8.68 11.79
N ALA A 216 -4.93 -7.89 11.01
CA ALA A 216 -5.54 -6.99 10.02
C ALA A 216 -6.29 -7.76 8.92
N ALA A 217 -5.77 -8.92 8.54
CA ALA A 217 -6.37 -9.73 7.49
C ALA A 217 -7.79 -10.18 7.85
N LYS A 218 -8.05 -10.41 9.14
CA LYS A 218 -9.38 -10.82 9.61
C LYS A 218 -10.47 -9.79 9.30
N HIS A 219 -10.08 -8.53 9.16
CA HIS A 219 -11.01 -7.47 8.74
C HIS A 219 -10.61 -6.86 7.41
N LEU A 220 -9.68 -7.49 6.70
CA LEU A 220 -9.14 -6.97 5.43
C LEU A 220 -8.71 -5.51 5.57
N THR A 221 -7.92 -5.25 6.59
CA THR A 221 -7.51 -3.90 6.92
C THR A 221 -6.11 -3.66 6.33
N PRO A 222 -5.96 -2.62 5.49
CA PRO A 222 -4.63 -2.29 4.95
C PRO A 222 -3.70 -1.82 6.07
N VAL A 223 -2.41 -2.11 5.94
CA VAL A 223 -1.43 -1.81 6.99
C VAL A 223 -0.24 -1.02 6.48
N THR A 224 0.31 -0.18 7.35
CA THR A 224 1.61 0.44 7.14
C THR A 224 2.50 -0.10 8.26
N LEU A 225 3.55 -0.82 7.89
CA LEU A 225 4.43 -1.47 8.85
C LEU A 225 5.84 -0.92 8.71
N GLU A 226 6.35 -0.32 9.79
CA GLU A 226 7.73 0.14 9.82
C GLU A 226 8.47 -0.72 10.83
N LEU A 227 9.29 -1.63 10.32
CA LEU A 227 9.81 -2.73 11.11
C LEU A 227 11.34 -2.66 11.23
N GLY A 228 11.99 -3.80 11.44
CA GLY A 228 13.39 -3.81 11.80
C GLY A 228 14.35 -4.23 10.71
N GLY A 229 15.63 -4.19 11.07
CA GLY A 229 16.71 -4.62 10.22
C GLY A 229 18.01 -4.07 10.77
N LYS A 230 19.12 -4.48 10.18
CA LYS A 230 20.41 -3.91 10.49
C LYS A 230 20.76 -3.01 9.32
N SER A 231 20.70 -1.70 9.54
CA SER A 231 20.96 -0.74 8.47
C SER A 231 22.46 -0.64 8.28
N PRO A 232 22.96 -1.16 7.14
CA PRO A 232 24.40 -1.19 6.91
C PRO A 232 24.97 0.20 6.64
N CYS A 233 26.24 0.39 7.02
CA CYS A 233 26.95 1.61 6.72
C CYS A 233 28.30 1.32 6.06
N TYR A 234 28.34 1.41 4.75
CA TYR A 234 29.57 1.12 3.99
C TYR A 234 30.45 2.36 3.91
N VAL A 235 31.71 2.22 4.33
CA VAL A 235 32.66 3.33 4.31
C VAL A 235 33.74 3.05 3.29
N ASP A 236 33.77 3.88 2.24
CA ASP A 236 34.65 3.72 1.11
C ASP A 236 36.09 4.06 1.51
N LYS A 237 37.06 3.43 0.87
CA LYS A 237 38.44 3.87 0.96
C LYS A 237 38.54 5.27 0.36
N ASN A 238 39.66 5.93 0.60
CA ASN A 238 39.96 7.21 -0.05
C ASN A 238 38.89 8.30 0.14
N CYS A 239 38.03 8.19 1.15
CA CYS A 239 37.09 9.27 1.44
C CYS A 239 37.48 9.94 2.75
N ASP A 240 37.00 11.15 2.95
CA ASP A 240 37.34 11.95 4.13
C ASP A 240 36.69 11.34 5.37
N LEU A 241 37.49 10.61 6.14
CA LEU A 241 37.01 9.85 7.28
C LEU A 241 36.73 10.74 8.50
N ASP A 242 37.42 11.87 8.59
CA ASP A 242 37.15 12.86 9.65
C ASP A 242 35.68 13.25 9.63
N VAL A 243 35.22 13.64 8.45
CA VAL A 243 33.82 14.03 8.28
C VAL A 243 32.89 12.81 8.39
N ALA A 244 33.21 11.73 7.70
CA ALA A 244 32.36 10.53 7.70
C ALA A 244 32.09 10.01 9.11
N CYS A 245 33.14 9.85 9.91
CA CYS A 245 33.02 9.24 11.25
C CYS A 245 32.31 10.12 12.30
N ARG A 246 32.43 11.44 12.18
CA ARG A 246 31.63 12.34 13.02
C ARG A 246 30.14 12.17 12.71
N ARG A 247 29.82 11.98 11.44
CA ARG A 247 28.43 11.83 11.02
C ARG A 247 27.88 10.47 11.44
N ILE A 248 28.65 9.42 11.20
CA ILE A 248 28.27 8.07 11.61
C ILE A 248 28.07 8.00 13.13
N ALA A 249 29.01 8.56 13.89
CA ALA A 249 28.92 8.54 15.34
C ALA A 249 27.70 9.30 15.84
N TRP A 250 27.36 10.40 15.18
CA TRP A 250 26.19 11.18 15.56
C TRP A 250 24.92 10.34 15.42
N GLY A 251 24.75 9.70 14.27
CA GLY A 251 23.55 8.90 14.00
C GLY A 251 23.50 7.62 14.82
N LYS A 252 24.65 6.99 15.00
CA LYS A 252 24.72 5.74 15.74
C LYS A 252 24.37 5.92 17.22
N PHE A 253 24.91 6.98 17.83
CA PHE A 253 24.90 7.10 19.28
C PHE A 253 23.86 8.06 19.85
N MET A 254 23.15 8.80 18.98
CA MET A 254 22.00 9.55 19.47
C MET A 254 21.00 8.55 20.07
N ASN A 255 20.26 9.00 21.08
CA ASN A 255 19.28 8.16 21.75
C ASN A 255 19.85 6.81 22.19
N SER A 256 21.11 6.82 22.61
CA SER A 256 21.80 5.62 23.03
C SER A 256 21.62 4.47 22.02
N GLY A 257 21.71 4.80 20.74
CA GLY A 257 21.65 3.81 19.66
C GLY A 257 20.30 3.24 19.34
N GLN A 258 19.23 3.82 19.92
CA GLN A 258 17.90 3.26 19.81
C GLN A 258 17.10 3.99 18.74
N THR A 259 17.58 3.89 17.50
CA THR A 259 16.95 4.54 16.36
C THR A 259 16.78 3.56 15.22
N CYS A 260 15.61 3.60 14.59
CA CYS A 260 15.26 2.69 13.52
C CYS A 260 16.26 2.72 12.37
N VAL A 261 16.77 3.91 12.05
CA VAL A 261 17.70 4.05 10.95
C VAL A 261 19.10 4.44 11.43
N ALA A 262 19.44 4.06 12.65
CA ALA A 262 20.82 4.17 13.10
C ALA A 262 21.69 3.36 12.16
N PRO A 263 22.89 3.86 11.82
CA PRO A 263 23.82 3.01 11.10
C PRO A 263 24.24 1.86 12.02
N ASP A 264 23.65 0.69 11.81
CA ASP A 264 23.76 -0.41 12.75
C ASP A 264 25.20 -0.91 12.84
N TYR A 265 25.78 -1.21 11.70
CA TYR A 265 27.16 -1.71 11.62
C TYR A 265 27.90 -1.09 10.45
N ILE A 266 29.23 -1.22 10.48
CA ILE A 266 30.11 -0.68 9.44
C ILE A 266 30.70 -1.80 8.60
N LEU A 267 30.70 -1.59 7.28
CA LEU A 267 31.47 -2.41 6.34
C LEU A 267 32.58 -1.54 5.77
N CYS A 268 33.83 -1.98 5.92
CA CYS A 268 34.96 -1.20 5.43
C CYS A 268 36.11 -2.10 5.01
N ASP A 269 37.00 -1.54 4.19
CA ASP A 269 38.21 -2.25 3.80
C ASP A 269 39.08 -2.42 5.05
N PRO A 270 39.78 -3.56 5.17
CA PRO A 270 40.63 -3.74 6.36
C PRO A 270 41.68 -2.64 6.56
N SER A 271 42.10 -1.99 5.48
CA SER A 271 43.15 -0.98 5.56
C SER A 271 42.73 0.32 6.25
N ILE A 272 41.44 0.57 6.44
CA ILE A 272 40.97 1.78 7.14
C ILE A 272 40.23 1.50 8.45
N GLN A 273 40.24 0.24 8.91
CA GLN A 273 39.54 -0.11 10.15
C GLN A 273 40.03 0.71 11.36
N ASN A 274 41.35 0.82 11.53
CA ASN A 274 41.92 1.55 12.68
C ASN A 274 41.79 3.07 12.56
N GLN A 275 41.76 3.58 11.34
CA GLN A 275 41.45 5.00 11.14
C GLN A 275 40.01 5.30 11.56
N ILE A 276 39.09 4.44 11.16
CA ILE A 276 37.67 4.57 11.52
C ILE A 276 37.51 4.52 13.03
N VAL A 277 38.21 3.59 13.67
CA VAL A 277 38.18 3.47 15.13
C VAL A 277 38.64 4.76 15.81
N GLU A 278 39.77 5.29 15.36
CA GLU A 278 40.33 6.51 15.96
C GLU A 278 39.44 7.73 15.74
N LYS A 279 38.83 7.85 14.57
CA LYS A 279 37.96 8.99 14.28
C LYS A 279 36.65 8.92 15.07
N LEU A 280 36.11 7.72 15.20
CA LEU A 280 34.92 7.49 16.03
C LEU A 280 35.17 7.86 17.50
N LYS A 281 36.30 7.38 18.03
CA LYS A 281 36.73 7.76 19.40
C LYS A 281 36.76 9.27 19.56
N LYS A 282 37.48 9.92 18.64
CA LYS A 282 37.68 11.36 18.69
C LYS A 282 36.34 12.07 18.77
N SER A 283 35.43 11.75 17.85
CA SER A 283 34.11 12.36 17.84
C SER A 283 33.31 12.04 19.11
N LEU A 284 33.35 10.78 19.56
CA LEU A 284 32.66 10.41 20.79
C LEU A 284 33.11 11.26 21.98
N LYS A 285 34.42 11.51 22.08
CA LYS A 285 34.94 12.36 23.16
C LYS A 285 34.47 13.81 23.05
N GLU A 286 34.35 14.32 21.83
CA GLU A 286 33.81 15.65 21.61
C GLU A 286 32.34 15.74 21.96
N PHE A 287 31.58 14.71 21.59
CA PHE A 287 30.14 14.68 21.84
C PHE A 287 29.84 14.54 23.33
N TYR A 288 30.48 13.58 23.97
CA TYR A 288 30.04 13.11 25.28
C TYR A 288 31.10 13.13 26.39
N GLY A 289 32.29 13.66 26.10
CA GLY A 289 33.37 13.71 27.07
C GLY A 289 34.04 12.37 27.32
N GLU A 290 34.92 12.33 28.30
CA GLU A 290 35.68 11.11 28.64
C GLU A 290 34.79 10.03 29.26
N ASP A 291 33.83 10.45 30.08
CA ASP A 291 32.90 9.53 30.70
C ASP A 291 31.47 9.88 30.25
N ALA A 292 31.00 9.16 29.24
CA ALA A 292 29.70 9.43 28.65
C ALA A 292 28.52 9.36 29.64
N LYS A 293 28.70 8.61 30.72
CA LYS A 293 27.71 8.54 31.80
C LYS A 293 27.41 9.91 32.40
N LYS A 294 28.38 10.81 32.34
CA LYS A 294 28.21 12.17 32.85
C LYS A 294 27.70 13.19 31.82
N SER A 295 27.42 12.76 30.58
CA SER A 295 26.93 13.68 29.54
C SER A 295 25.43 13.87 29.59
N ARG A 296 24.98 15.12 29.67
CA ARG A 296 23.56 15.44 29.60
C ARG A 296 22.92 15.03 28.27
N ASP A 297 23.75 14.84 27.24
CA ASP A 297 23.31 14.55 25.88
C ASP A 297 23.30 13.07 25.52
N TYR A 298 23.78 12.21 26.41
CA TYR A 298 23.80 10.77 26.17
C TYR A 298 22.62 10.08 26.85
N GLY A 299 21.94 9.20 26.13
CA GLY A 299 20.73 8.56 26.62
C GLY A 299 20.97 7.31 27.43
N ARG A 300 19.88 6.59 27.72
CA ARG A 300 19.93 5.33 28.48
C ARG A 300 19.03 4.31 27.81
N ILE A 301 19.31 3.03 28.06
CA ILE A 301 18.51 1.95 27.48
C ILE A 301 17.14 1.91 28.15
N ILE A 302 16.12 1.58 27.37
CA ILE A 302 14.71 1.71 27.79
C ILE A 302 14.31 0.79 28.96
N SER A 303 14.81 -0.44 28.97
CA SER A 303 14.37 -1.43 29.95
C SER A 303 15.50 -2.39 30.33
N ALA A 304 15.32 -3.06 31.47
CA ALA A 304 16.29 -4.03 31.96
C ALA A 304 16.57 -5.10 30.92
N ARG A 305 15.51 -5.60 30.30
CA ARG A 305 15.60 -6.68 29.32
C ARG A 305 16.52 -6.29 28.17
N HIS A 306 16.29 -5.09 27.63
CA HIS A 306 17.09 -4.61 26.51
C HIS A 306 18.52 -4.24 26.94
N PHE A 307 18.69 -3.73 28.17
CA PHE A 307 20.04 -3.50 28.70
C PHE A 307 20.85 -4.81 28.71
N GLN A 308 20.26 -5.87 29.25
CA GLN A 308 20.94 -7.16 29.31
C GLN A 308 21.19 -7.72 27.91
N ARG A 309 20.23 -7.53 27.00
CA ARG A 309 20.37 -8.02 25.63
C ARG A 309 21.54 -7.34 24.92
N VAL A 310 21.68 -6.03 25.09
CA VAL A 310 22.74 -5.28 24.42
C VAL A 310 24.10 -5.57 25.05
N MET A 311 24.16 -5.65 26.38
CA MET A 311 25.40 -6.03 27.05
C MET A 311 25.85 -7.42 26.62
N GLY A 312 24.90 -8.33 26.49
CA GLY A 312 25.16 -9.67 25.98
C GLY A 312 25.84 -9.67 24.61
N LEU A 313 25.47 -8.72 23.74
CA LEU A 313 26.06 -8.63 22.40
C LEU A 313 27.54 -8.24 22.42
N ILE A 314 27.99 -7.62 23.50
CA ILE A 314 29.38 -7.23 23.63
C ILE A 314 30.23 -8.45 24.02
N GLU A 315 29.61 -9.44 24.65
CA GLU A 315 30.33 -10.63 25.13
C GLU A 315 30.90 -11.41 23.95
N GLY A 316 32.15 -11.84 24.08
CA GLY A 316 32.84 -12.54 23.01
C GLY A 316 33.42 -11.63 21.95
N GLN A 317 33.22 -10.32 22.09
CA GLN A 317 33.69 -9.35 21.09
C GLN A 317 34.91 -8.60 21.59
N LYS A 318 35.70 -8.06 20.65
CA LYS A 318 36.89 -7.27 20.99
C LYS A 318 36.48 -5.81 21.11
N VAL A 319 36.67 -5.26 22.30
CA VAL A 319 36.29 -3.89 22.59
C VAL A 319 37.45 -2.95 22.24
N ALA A 320 37.25 -2.10 21.24
CA ALA A 320 38.22 -1.05 20.90
C ALA A 320 37.94 0.23 21.72
N TYR A 321 36.72 0.37 22.21
CA TYR A 321 36.33 1.51 23.02
C TYR A 321 35.02 1.20 23.77
N GLY A 322 34.91 1.67 25.02
CA GLY A 322 33.71 1.47 25.83
C GLY A 322 33.64 0.06 26.42
N GLY A 323 32.49 -0.59 26.25
CA GLY A 323 32.30 -1.98 26.67
C GLY A 323 31.85 -2.18 28.11
N THR A 324 31.66 -1.09 28.85
CA THR A 324 31.17 -1.17 30.22
C THR A 324 29.73 -0.71 30.26
N GLY A 325 29.05 -1.04 31.36
CA GLY A 325 27.66 -0.67 31.55
C GLY A 325 27.34 -0.51 33.03
N ASP A 326 26.21 0.13 33.29
CA ASP A 326 25.69 0.23 34.65
C ASP A 326 24.24 -0.23 34.63
N ALA A 327 24.00 -1.41 35.18
CA ALA A 327 22.68 -2.04 35.15
C ALA A 327 21.59 -1.20 35.81
N ALA A 328 21.89 -0.63 36.97
CA ALA A 328 20.88 0.09 37.77
C ALA A 328 20.24 1.26 36.99
N THR A 329 21.06 2.04 36.29
CA THR A 329 20.55 3.15 35.48
C THR A 329 20.47 2.85 33.98
N ARG A 330 20.83 1.62 33.59
CA ARG A 330 20.77 1.17 32.20
C ARG A 330 21.64 2.01 31.27
N TYR A 331 22.82 2.37 31.75
CA TYR A 331 23.84 3.03 30.94
C TYR A 331 24.73 1.98 30.28
N ILE A 332 25.01 2.18 28.99
CA ILE A 332 25.99 1.39 28.28
C ILE A 332 26.93 2.38 27.60
N ALA A 333 28.22 2.29 27.92
CA ALA A 333 29.20 3.18 27.32
C ALA A 333 29.20 3.05 25.79
N PRO A 334 29.46 4.16 25.09
CA PRO A 334 29.55 4.08 23.63
C PRO A 334 30.66 3.13 23.26
N THR A 335 30.30 2.06 22.55
CA THR A 335 31.19 0.92 22.35
C THR A 335 31.51 0.68 20.88
N ILE A 336 32.79 0.50 20.60
CA ILE A 336 33.25 0.17 19.26
C ILE A 336 33.86 -1.22 19.30
N LEU A 337 33.43 -2.08 18.36
CA LEU A 337 33.92 -3.44 18.25
C LEU A 337 34.62 -3.63 16.90
N THR A 338 35.75 -4.32 16.91
CA THR A 338 36.58 -4.49 15.72
C THR A 338 36.65 -5.94 15.26
N ASP A 339 36.98 -6.11 13.98
CA ASP A 339 37.11 -7.42 13.32
C ASP A 339 35.98 -8.38 13.70
N VAL A 340 34.75 -7.91 13.59
CA VAL A 340 33.61 -8.68 14.03
C VAL A 340 33.29 -9.83 13.07
N ASP A 341 33.03 -11.01 13.64
CA ASP A 341 32.58 -12.17 12.88
C ASP A 341 31.11 -11.94 12.53
N PRO A 342 30.77 -11.95 11.22
CA PRO A 342 29.37 -11.70 10.83
C PRO A 342 28.37 -12.74 11.35
N GLN A 343 28.87 -13.90 11.80
CA GLN A 343 28.00 -14.94 12.34
C GLN A 343 27.75 -14.79 13.83
N SER A 344 28.49 -13.88 14.48
CA SER A 344 28.36 -13.68 15.91
C SER A 344 27.07 -12.92 16.21
N PRO A 345 26.58 -13.02 17.46
CA PRO A 345 25.24 -12.46 17.75
C PRO A 345 25.07 -10.97 17.47
N VAL A 346 26.09 -10.16 17.72
CA VAL A 346 26.00 -8.72 17.44
C VAL A 346 25.76 -8.41 15.95
N MET A 347 26.09 -9.37 15.08
CA MET A 347 25.78 -9.24 13.66
C MET A 347 24.61 -10.11 13.18
N GLN A 348 23.83 -10.68 14.09
CA GLN A 348 22.67 -11.52 13.72
C GLN A 348 21.33 -10.98 14.23
N GLU A 349 21.35 -9.83 14.88
CA GLU A 349 20.12 -9.15 15.29
C GLU A 349 20.31 -7.65 15.22
N GLU A 350 19.20 -6.92 15.06
CA GLU A 350 19.23 -5.47 15.16
C GLU A 350 19.77 -5.11 16.54
N ILE A 351 20.79 -4.26 16.59
CA ILE A 351 21.49 -3.98 17.84
C ILE A 351 20.64 -3.08 18.74
N PHE A 352 20.20 -1.95 18.20
CA PHE A 352 19.36 -0.99 18.94
C PHE A 352 20.03 -0.56 20.26
N GLY A 353 21.29 -0.18 20.16
CA GLY A 353 22.07 0.20 21.32
C GLY A 353 23.39 0.79 20.88
N PRO A 354 24.15 1.36 21.82
CA PRO A 354 25.37 2.09 21.49
C PRO A 354 26.59 1.17 21.36
N VAL A 355 26.44 0.15 20.52
CA VAL A 355 27.51 -0.81 20.22
C VAL A 355 27.64 -0.85 18.69
N LEU A 356 28.81 -0.47 18.18
CA LEU A 356 29.03 -0.32 16.75
C LEU A 356 30.10 -1.32 16.29
N PRO A 357 29.68 -2.43 15.66
CA PRO A 357 30.63 -3.41 15.16
C PRO A 357 31.17 -3.03 13.78
N ILE A 358 32.43 -3.35 13.53
CA ILE A 358 33.07 -3.11 12.23
C ILE A 358 33.38 -4.47 11.60
N VAL A 359 32.86 -4.68 10.39
CA VAL A 359 33.04 -5.92 9.64
C VAL A 359 33.89 -5.61 8.42
N CYS A 360 35.01 -6.31 8.26
CA CYS A 360 35.92 -6.07 7.15
C CYS A 360 35.44 -6.73 5.86
N VAL A 361 35.50 -5.99 4.76
CA VAL A 361 35.26 -6.52 3.41
C VAL A 361 36.36 -6.01 2.47
N ARG A 362 36.68 -6.79 1.45
CA ARG A 362 37.83 -6.51 0.58
C ARG A 362 37.49 -5.77 -0.71
N SER A 363 36.20 -5.56 -0.99
CA SER A 363 35.79 -4.82 -2.18
C SER A 363 34.35 -4.33 -2.09
N LEU A 364 34.06 -3.27 -2.85
CA LEU A 364 32.69 -2.79 -3.02
C LEU A 364 31.74 -3.92 -3.39
N GLU A 365 32.20 -4.79 -4.28
CA GLU A 365 31.38 -5.91 -4.77
C GLU A 365 31.04 -6.87 -3.64
N GLU A 366 32.01 -7.18 -2.80
CA GLU A 366 31.78 -8.02 -1.62
C GLU A 366 30.80 -7.37 -0.62
N ALA A 367 30.86 -6.05 -0.50
CA ALA A 367 29.93 -5.32 0.37
C ALA A 367 28.49 -5.40 -0.14
N ILE A 368 28.32 -5.32 -1.46
CA ILE A 368 27.00 -5.43 -2.10
C ILE A 368 26.41 -6.83 -1.88
N GLN A 369 27.22 -7.86 -2.11
CA GLN A 369 26.81 -9.25 -1.86
C GLN A 369 26.41 -9.46 -0.41
N PHE A 370 27.24 -8.96 0.50
CA PHE A 370 26.98 -9.05 1.94
C PHE A 370 25.63 -8.48 2.31
N ILE A 371 25.34 -7.28 1.80
CA ILE A 371 24.06 -6.62 2.07
C ILE A 371 22.91 -7.38 1.42
N ASN A 372 23.13 -7.90 0.20
CA ASN A 372 22.08 -8.61 -0.54
C ASN A 372 21.75 -9.99 0.04
N GLN A 373 22.71 -10.59 0.69
CA GLN A 373 22.62 -11.86 1.32
C GLN A 373 21.68 -11.78 2.51
N ARG A 374 21.63 -10.66 3.15
CA ARG A 374 20.81 -10.41 4.34
C ARG A 374 19.44 -9.83 3.98
N GLU A 375 18.58 -9.68 4.98
CA GLU A 375 17.23 -9.14 4.77
C GLU A 375 17.30 -7.64 4.46
N LYS A 376 16.30 -7.15 3.75
CA LYS A 376 16.31 -5.79 3.25
C LYS A 376 16.15 -4.80 4.41
N PRO A 377 17.14 -3.91 4.58
CA PRO A 377 17.15 -3.03 5.74
C PRO A 377 16.28 -1.79 5.53
N LEU A 378 15.86 -1.18 6.63
CA LEU A 378 15.05 0.03 6.58
C LEU A 378 15.84 1.17 5.91
N ALA A 379 17.13 1.27 6.23
CA ALA A 379 18.00 2.26 5.60
C ALA A 379 19.29 1.60 5.12
N LEU A 380 19.91 2.20 4.13
CA LEU A 380 21.26 1.83 3.70
C LEU A 380 22.07 3.09 3.56
N TYR A 381 23.27 3.06 4.13
CA TYR A 381 24.16 4.20 4.13
C TYR A 381 25.47 3.85 3.45
N MET A 382 26.02 4.82 2.73
CA MET A 382 27.36 4.71 2.23
C MET A 382 28.08 6.05 2.31
N PHE A 383 29.38 5.98 2.54
CA PHE A 383 30.21 7.15 2.61
C PHE A 383 31.30 7.01 1.57
N SER A 384 31.30 7.93 0.61
CA SER A 384 32.22 7.89 -0.53
C SER A 384 32.24 9.24 -1.21
N SER A 385 33.39 9.59 -1.78
CA SER A 385 33.53 10.82 -2.56
CA SER A 385 33.53 10.82 -2.55
C SER A 385 33.38 10.52 -4.04
N ASN A 386 33.08 9.26 -4.36
CA ASN A 386 32.98 8.77 -5.72
C ASN A 386 31.52 8.52 -6.09
N ASP A 387 31.01 9.31 -6.99
CA ASP A 387 29.61 9.28 -7.35
C ASP A 387 29.18 7.98 -7.97
N LYS A 388 30.05 7.36 -8.71
CA LYS A 388 29.79 6.09 -9.31
C LYS A 388 29.64 4.94 -8.30
N VAL A 389 30.41 4.96 -7.25
CA VAL A 389 30.33 4.01 -6.16
C VAL A 389 28.95 4.03 -5.53
N ILE A 390 28.46 5.22 -5.33
CA ILE A 390 27.22 5.46 -4.69
C ILE A 390 26.08 4.94 -5.54
N LYS A 391 26.15 5.25 -6.83
CA LYS A 391 25.14 4.83 -7.76
C LYS A 391 25.11 3.34 -7.99
N LYS A 392 26.25 2.71 -7.99
CA LYS A 392 26.35 1.30 -8.13
C LYS A 392 25.79 0.57 -6.95
N MET A 393 26.16 0.97 -5.76
CA MET A 393 25.66 0.32 -4.54
C MET A 393 24.13 0.41 -4.47
N ILE A 394 23.58 1.58 -4.82
CA ILE A 394 22.13 1.77 -4.87
C ILE A 394 21.49 0.86 -5.93
N ALA A 395 22.05 0.87 -7.14
CA ALA A 395 21.47 0.12 -8.27
C ALA A 395 21.39 -1.39 -8.00
N GLU A 396 22.29 -1.91 -7.18
CA GLU A 396 22.41 -3.37 -7.00
C GLU A 396 21.90 -3.88 -5.65
N THR A 397 21.41 -2.98 -4.80
CA THR A 397 20.83 -3.34 -3.50
C THR A 397 19.39 -2.87 -3.42
N SER A 398 18.73 -3.21 -2.32
CA SER A 398 17.39 -2.72 -2.03
C SER A 398 17.22 -2.47 -0.52
N SER A 399 16.71 -1.29 -0.20
CA SER A 399 16.45 -0.89 1.18
C SER A 399 15.27 0.05 1.16
N GLY A 400 14.71 0.35 2.32
CA GLY A 400 13.58 1.28 2.45
C GLY A 400 13.94 2.65 1.88
N GLY A 401 15.02 3.21 2.42
CA GLY A 401 15.59 4.46 1.94
C GLY A 401 17.10 4.38 1.93
N VAL A 402 17.72 5.43 1.39
CA VAL A 402 19.17 5.52 1.27
C VAL A 402 19.61 6.94 1.62
N ALA A 403 20.75 7.04 2.30
CA ALA A 403 21.46 8.31 2.41
C ALA A 403 22.93 8.06 2.14
N ALA A 404 23.52 8.88 1.27
CA ALA A 404 24.94 8.83 1.00
C ALA A 404 25.63 10.00 1.67
N ASN A 405 26.67 9.70 2.45
CA ASN A 405 27.48 10.71 3.14
C ASN A 405 26.77 11.45 4.28
N ASP A 406 25.70 10.84 4.79
CA ASP A 406 25.12 11.24 6.06
C ASP A 406 24.22 10.12 6.56
N VAL A 407 23.74 10.23 7.79
CA VAL A 407 22.82 9.26 8.37
C VAL A 407 21.60 9.97 8.91
N ILE A 408 20.50 9.23 9.08
CA ILE A 408 19.29 9.71 9.76
C ILE A 408 18.50 10.76 8.96
N VAL A 409 19.19 11.80 8.52
CA VAL A 409 18.54 13.00 7.97
CA VAL A 409 18.55 13.01 7.96
C VAL A 409 17.48 12.74 6.90
N HIS A 410 17.64 11.65 6.15
CA HIS A 410 16.73 11.40 5.03
C HIS A 410 15.29 11.06 5.42
N ILE A 411 15.07 10.58 6.65
CA ILE A 411 13.72 10.23 7.09
C ILE A 411 12.95 11.43 7.66
N THR A 412 13.55 12.60 7.64
CA THR A 412 12.94 13.81 8.20
C THR A 412 12.45 14.79 7.11
N LEU A 413 12.70 14.48 5.84
CA LEU A 413 12.43 15.40 4.74
C LEU A 413 11.04 15.20 4.12
N HIS A 414 10.27 16.28 4.03
CA HIS A 414 8.88 16.25 3.60
C HIS A 414 8.70 15.64 2.21
N SER A 415 9.70 15.81 1.37
CA SER A 415 9.65 15.36 -0.03
C SER A 415 10.13 13.91 -0.22
N LEU A 416 10.56 13.27 0.85
CA LEU A 416 11.05 11.90 0.78
C LEU A 416 10.17 10.99 1.64
N PRO A 417 9.26 10.23 1.01
CA PRO A 417 8.45 9.26 1.75
C PRO A 417 9.33 8.32 2.58
N PHE A 418 8.87 8.03 3.79
CA PHE A 418 9.63 7.17 4.67
C PHE A 418 8.91 5.85 4.87
N GLY A 419 9.64 4.75 4.76
CA GLY A 419 9.08 3.42 4.93
C GLY A 419 10.06 2.35 4.53
N GLY A 420 9.71 1.10 4.79
CA GLY A 420 10.63 -0.01 4.55
C GLY A 420 10.31 -0.81 3.29
N VAL A 421 10.97 -1.96 3.20
CA VAL A 421 10.70 -2.92 2.13
C VAL A 421 11.06 -4.30 2.66
N GLY A 422 10.28 -5.30 2.27
CA GLY A 422 10.49 -6.67 2.75
C GLY A 422 10.40 -6.72 4.26
N ASN A 423 11.43 -7.27 4.91
CA ASN A 423 11.44 -7.39 6.38
C ASN A 423 11.48 -6.08 7.14
N SER A 424 11.92 -4.99 6.51
CA SER A 424 11.88 -3.68 7.14
C SER A 424 10.54 -2.96 6.98
N GLY A 425 9.61 -3.56 6.22
CA GLY A 425 8.22 -3.12 6.22
C GLY A 425 7.55 -2.95 4.87
N MET A 426 6.37 -2.33 4.90
CA MET A 426 5.60 -2.02 3.70
C MET A 426 4.77 -0.77 3.93
N GLY A 427 4.36 -0.13 2.84
CA GLY A 427 3.70 1.17 2.91
C GLY A 427 4.72 2.23 3.30
N SER A 428 4.27 3.48 3.35
CA SER A 428 5.12 4.58 3.76
C SER A 428 4.28 5.75 4.20
N TYR A 429 4.90 6.71 4.86
CA TYR A 429 4.20 7.93 5.27
C TYR A 429 5.18 9.11 5.38
N HIS A 430 4.72 10.20 5.99
CA HIS A 430 5.40 11.49 6.05
C HIS A 430 4.99 12.36 4.89
N GLY A 431 4.59 13.59 5.19
CA GLY A 431 4.22 14.58 4.20
C GLY A 431 2.98 14.21 3.40
N LYS A 432 3.01 14.50 2.11
CA LYS A 432 1.90 14.18 1.22
C LYS A 432 1.58 12.68 1.22
N LYS A 433 2.60 11.85 1.42
CA LYS A 433 2.44 10.40 1.45
C LYS A 433 1.60 9.93 2.64
N SER A 434 1.68 10.65 3.76
CA SER A 434 0.81 10.37 4.89
C SER A 434 -0.65 10.61 4.49
N PHE A 435 -0.92 11.74 3.84
CA PHE A 435 -2.28 12.04 3.39
C PHE A 435 -2.81 10.94 2.47
N GLU A 436 -1.98 10.48 1.54
CA GLU A 436 -2.36 9.41 0.61
C GLU A 436 -2.56 8.08 1.32
N THR A 437 -1.62 7.76 2.21
CA THR A 437 -1.66 6.51 2.97
C THR A 437 -2.95 6.37 3.81
N PHE A 438 -3.40 7.45 4.44
CA PHE A 438 -4.59 7.43 5.29
C PHE A 438 -5.87 7.85 4.58
N SER A 439 -5.83 7.91 3.26
CA SER A 439 -7.02 8.18 2.45
CA SER A 439 -7.04 8.16 2.48
C SER A 439 -7.20 7.07 1.42
N HIS A 440 -8.41 6.97 0.88
CA HIS A 440 -8.61 6.13 -0.29
C HIS A 440 -8.64 7.04 -1.52
N ARG A 441 -7.81 6.72 -2.49
CA ARG A 441 -7.76 7.47 -3.74
C ARG A 441 -8.68 6.78 -4.76
N ARG A 442 -9.78 7.46 -5.09
CA ARG A 442 -10.91 6.85 -5.76
C ARG A 442 -11.04 7.37 -7.18
N SER A 443 -10.94 6.48 -8.15
CA SER A 443 -11.05 6.86 -9.56
C SER A 443 -12.50 7.20 -9.91
N CYS A 444 -12.69 8.33 -10.59
CA CYS A 444 -14.02 8.83 -10.94
C CYS A 444 -14.12 9.19 -12.41
N LEU A 445 -15.08 8.57 -13.11
CA LEU A 445 -15.42 8.90 -14.48
C LEU A 445 -16.83 9.48 -14.49
N VAL A 446 -16.98 10.71 -14.98
CA VAL A 446 -18.28 11.37 -15.09
C VAL A 446 -18.54 11.69 -16.56
N ARG A 447 -19.46 10.95 -17.17
CA ARG A 447 -19.85 11.15 -18.57
C ARG A 447 -21.15 11.93 -18.66
N PRO A 448 -21.39 12.59 -19.81
CA PRO A 448 -22.72 13.15 -20.04
C PRO A 448 -23.74 12.04 -20.29
N LEU A 449 -24.96 12.22 -19.79
CA LEU A 449 -26.06 11.30 -20.12
C LEU A 449 -26.74 11.82 -21.38
N MET A 450 -26.01 11.76 -22.48
CA MET A 450 -26.48 12.21 -23.79
C MET A 450 -26.20 11.12 -24.80
N ASN A 451 -27.19 10.80 -25.63
CA ASN A 451 -27.00 9.80 -26.67
C ASN A 451 -25.68 10.02 -27.39
N ASP A 452 -24.92 8.95 -27.56
CA ASP A 452 -23.60 9.01 -28.18
C ASP A 452 -23.46 7.89 -29.21
N GLU A 453 -23.40 8.26 -30.48
CA GLU A 453 -23.17 7.30 -31.57
C GLU A 453 -21.77 6.69 -31.49
N GLY A 454 -20.83 7.39 -30.86
CA GLY A 454 -19.47 6.88 -30.67
C GLY A 454 -19.38 5.61 -29.84
N LEU A 455 -20.31 5.47 -28.90
CA LEU A 455 -20.35 4.30 -28.02
C LEU A 455 -21.05 3.09 -28.66
N LYS A 456 -21.91 3.34 -29.65
CA LYS A 456 -22.79 2.29 -30.18
C LYS A 456 -22.09 1.03 -30.70
N VAL A 457 -20.83 1.14 -31.11
CA VAL A 457 -20.07 -0.01 -31.59
C VAL A 457 -19.87 -1.09 -30.51
N ARG A 458 -19.87 -0.69 -29.24
CA ARG A 458 -19.65 -1.63 -28.14
C ARG A 458 -20.85 -2.55 -27.85
N TYR A 459 -22.06 -2.08 -28.17
CA TYR A 459 -23.27 -2.85 -27.87
C TYR A 459 -23.44 -4.03 -28.83
N PRO A 460 -23.95 -5.18 -28.33
CA PRO A 460 -24.33 -6.21 -29.29
C PRO A 460 -25.57 -5.76 -30.06
N PRO A 461 -25.84 -6.38 -31.24
CA PRO A 461 -25.05 -7.46 -31.84
C PRO A 461 -23.71 -6.99 -32.39
N SER A 462 -22.69 -7.83 -32.31
CA SER A 462 -21.40 -7.56 -32.93
C SER A 462 -21.48 -7.83 -34.43
N PRO A 463 -20.65 -7.16 -35.23
CA PRO A 463 -20.65 -7.40 -36.67
C PRO A 463 -19.91 -8.67 -37.07
N ALA A 464 -19.99 -9.03 -38.35
CA ALA A 464 -19.24 -10.15 -38.92
C ALA A 464 -18.15 -9.64 -39.85
N SER B 18 9.27 -30.50 -4.85
CA SER B 18 8.05 -30.52 -5.69
C SER B 18 8.20 -29.65 -6.94
N LYS B 19 7.30 -29.87 -7.90
CA LYS B 19 7.21 -29.02 -9.09
C LYS B 19 7.11 -27.53 -8.72
N ILE B 20 6.28 -27.24 -7.72
CA ILE B 20 6.00 -25.86 -7.30
C ILE B 20 7.20 -25.13 -6.69
N SER B 21 7.89 -25.78 -5.76
N SER B 21 7.89 -25.78 -5.76
CA SER B 21 9.05 -25.19 -5.10
CA SER B 21 9.05 -25.18 -5.10
C SER B 21 10.19 -24.93 -6.09
C SER B 21 10.19 -24.93 -6.09
N GLU B 22 10.35 -25.83 -7.06
CA GLU B 22 11.39 -25.70 -8.08
C GLU B 22 11.13 -24.51 -9.00
N ALA B 23 9.87 -24.32 -9.39
CA ALA B 23 9.50 -23.19 -10.24
C ALA B 23 9.82 -21.85 -9.57
N VAL B 24 9.45 -21.72 -8.30
CA VAL B 24 9.73 -20.48 -7.57
C VAL B 24 11.24 -20.30 -7.39
N LYS B 25 11.93 -21.38 -7.04
CA LYS B 25 13.38 -21.36 -6.87
C LYS B 25 14.09 -20.88 -8.14
N ARG B 26 13.73 -21.47 -9.29
CA ARG B 26 14.28 -21.04 -10.59
C ARG B 26 13.96 -19.59 -10.92
N ALA B 27 12.74 -19.15 -10.60
CA ALA B 27 12.31 -17.78 -10.84
C ALA B 27 13.07 -16.79 -9.98
N ARG B 28 13.36 -17.15 -8.74
CA ARG B 28 14.13 -16.26 -7.85
C ARG B 28 15.59 -16.19 -8.25
N ALA B 29 16.17 -17.33 -8.61
CA ALA B 29 17.56 -17.39 -9.08
C ALA B 29 17.76 -16.53 -10.32
N ALA B 30 16.82 -16.61 -11.27
CA ALA B 30 16.90 -15.82 -12.50
C ALA B 30 16.78 -14.32 -12.22
N PHE B 31 15.94 -13.94 -11.27
CA PHE B 31 15.89 -12.55 -10.82
C PHE B 31 17.20 -12.11 -10.18
N SER B 32 17.76 -12.96 -9.32
CA SER B 32 19.02 -12.64 -8.66
C SER B 32 20.17 -12.51 -9.65
N SER B 33 20.05 -13.17 -10.80
CA SER B 33 21.06 -13.09 -11.86
C SER B 33 21.15 -11.70 -12.50
N GLY B 34 20.12 -10.88 -12.32
CA GLY B 34 20.16 -9.49 -12.78
C GLY B 34 19.60 -9.24 -14.17
N ARG B 35 19.12 -10.30 -14.85
CA ARG B 35 18.68 -10.17 -16.25
C ARG B 35 17.47 -9.26 -16.45
N THR B 36 16.63 -9.10 -15.43
CA THR B 36 15.43 -8.29 -15.56
C THR B 36 15.67 -6.79 -15.42
N ARG B 37 16.85 -6.39 -14.93
CA ARG B 37 17.13 -4.99 -14.61
CA ARG B 37 17.11 -4.99 -14.61
C ARG B 37 17.15 -4.09 -15.85
N PRO B 38 17.97 -4.43 -16.87
CA PRO B 38 17.97 -3.53 -18.01
C PRO B 38 16.59 -3.39 -18.66
N LEU B 39 16.23 -2.18 -19.05
CA LEU B 39 14.91 -1.94 -19.63
C LEU B 39 14.74 -2.69 -20.95
N GLN B 40 15.82 -2.79 -21.71
CA GLN B 40 15.82 -3.52 -22.99
C GLN B 40 15.23 -4.93 -22.85
N PHE B 41 15.59 -5.63 -21.77
CA PHE B 41 15.06 -6.97 -21.52
C PHE B 41 13.56 -6.94 -21.28
N ARG B 42 13.11 -6.02 -20.44
CA ARG B 42 11.70 -5.95 -20.06
C ARG B 42 10.84 -5.69 -21.29
N ILE B 43 11.30 -4.75 -22.12
CA ILE B 43 10.62 -4.42 -23.38
C ILE B 43 10.53 -5.63 -24.32
N GLN B 44 11.62 -6.38 -24.46
CA GLN B 44 11.63 -7.61 -25.27
C GLN B 44 10.53 -8.58 -24.82
N GLN B 45 10.37 -8.71 -23.51
CA GLN B 45 9.38 -9.65 -22.95
C GLN B 45 7.96 -9.17 -23.17
N LEU B 46 7.74 -7.86 -23.02
CA LEU B 46 6.43 -7.27 -23.29
C LEU B 46 6.11 -7.37 -24.78
N GLU B 47 7.13 -7.17 -25.62
CA GLU B 47 6.98 -7.35 -27.06
C GLU B 47 6.69 -8.82 -27.42
N ALA B 48 7.27 -9.74 -26.66
CA ALA B 48 6.97 -11.15 -26.84
C ALA B 48 5.50 -11.44 -26.50
N LEU B 49 4.94 -10.70 -25.55
CA LEU B 49 3.52 -10.83 -25.22
C LEU B 49 2.60 -10.26 -26.29
N GLN B 50 3.00 -9.19 -26.97
CA GLN B 50 2.17 -8.70 -28.08
C GLN B 50 2.24 -9.68 -29.25
N ARG B 51 3.38 -10.30 -29.45
CA ARG B 51 3.54 -11.33 -30.47
C ARG B 51 2.70 -12.56 -30.12
N LEU B 52 2.63 -12.88 -28.82
CA LEU B 52 1.77 -13.95 -28.35
C LEU B 52 0.31 -13.69 -28.70
N ILE B 53 -0.15 -12.47 -28.44
CA ILE B 53 -1.55 -12.10 -28.71
C ILE B 53 -1.90 -12.13 -30.20
N GLN B 54 -0.99 -11.74 -31.08
CA GLN B 54 -1.28 -11.76 -32.51
C GLN B 54 -1.19 -13.19 -33.09
N GLU B 55 -0.17 -13.94 -32.70
CA GLU B 55 0.03 -15.31 -33.22
C GLU B 55 -0.97 -16.33 -32.65
N GLN B 56 -1.45 -16.10 -31.43
CA GLN B 56 -2.36 -17.04 -30.76
C GLN B 56 -3.81 -16.54 -30.70
N GLU B 57 -4.14 -15.59 -31.57
CA GLU B 57 -5.47 -15.01 -31.62
C GLU B 57 -6.61 -16.03 -31.61
N GLN B 58 -6.57 -17.00 -32.53
CA GLN B 58 -7.64 -18.01 -32.65
C GLN B 58 -7.62 -19.03 -31.50
N GLU B 59 -6.43 -19.31 -30.97
CA GLU B 59 -6.31 -20.19 -29.82
C GLU B 59 -6.96 -19.52 -28.61
N LEU B 60 -6.74 -18.20 -28.48
CA LEU B 60 -7.33 -17.42 -27.39
C LEU B 60 -8.86 -17.36 -27.49
N VAL B 61 -9.36 -17.12 -28.70
CA VAL B 61 -10.81 -17.08 -28.93
C VAL B 61 -11.42 -18.44 -28.60
N GLY B 62 -10.83 -19.51 -29.14
CA GLY B 62 -11.30 -20.86 -28.88
C GLY B 62 -11.45 -21.17 -27.40
N ALA B 63 -10.46 -20.77 -26.60
CA ALA B 63 -10.46 -21.08 -25.17
C ALA B 63 -11.56 -20.33 -24.43
N LEU B 64 -11.73 -19.05 -24.76
CA LEU B 64 -12.78 -18.24 -24.16
C LEU B 64 -14.16 -18.69 -24.62
N ALA B 65 -14.25 -19.13 -25.87
CA ALA B 65 -15.47 -19.73 -26.41
C ALA B 65 -15.83 -20.99 -25.63
N ALA B 66 -14.82 -21.82 -25.37
CA ALA B 66 -15.05 -23.07 -24.66
C ALA B 66 -15.41 -22.81 -23.20
N ASP B 67 -14.70 -21.87 -22.57
CA ASP B 67 -14.88 -21.60 -21.14
C ASP B 67 -16.14 -20.83 -20.82
N LEU B 68 -16.39 -19.76 -21.57
CA LEU B 68 -17.44 -18.79 -21.21
C LEU B 68 -18.42 -18.44 -22.33
N HIS B 69 -18.38 -19.21 -23.43
CA HIS B 69 -19.25 -18.98 -24.60
C HIS B 69 -19.06 -17.57 -25.17
N LYS B 70 -17.80 -17.13 -25.18
CA LYS B 70 -17.42 -15.87 -25.83
C LYS B 70 -17.19 -16.11 -27.33
N ASN B 71 -17.30 -15.03 -28.12
CA ASN B 71 -17.07 -15.08 -29.57
C ASN B 71 -15.82 -14.28 -29.98
N GLU B 72 -15.53 -14.26 -31.27
CA GLU B 72 -14.31 -13.64 -31.77
C GLU B 72 -14.26 -12.14 -31.47
N TRP B 73 -15.41 -11.48 -31.52
CA TRP B 73 -15.46 -10.04 -31.29
C TRP B 73 -15.28 -9.68 -29.81
N ASN B 74 -16.15 -10.21 -28.94
CA ASN B 74 -16.10 -9.84 -27.52
C ASN B 74 -14.89 -10.42 -26.77
N ALA B 75 -14.30 -11.49 -27.30
CA ALA B 75 -13.04 -11.99 -26.75
C ALA B 75 -11.93 -10.95 -26.89
N TYR B 76 -11.95 -10.21 -27.99
CA TYR B 76 -10.97 -9.17 -28.23
C TYR B 76 -11.38 -7.86 -27.57
N TYR B 77 -12.55 -7.34 -27.95
CA TYR B 77 -12.97 -6.00 -27.57
C TYR B 77 -13.54 -5.85 -26.14
N GLU B 78 -13.78 -6.96 -25.45
CA GLU B 78 -14.14 -6.90 -24.02
C GLU B 78 -13.08 -7.54 -23.11
N GLU B 79 -11.91 -7.87 -23.65
CA GLU B 79 -10.85 -8.51 -22.86
C GLU B 79 -9.43 -8.35 -23.42
N VAL B 80 -9.13 -9.00 -24.56
CA VAL B 80 -7.76 -9.07 -25.08
C VAL B 80 -7.20 -7.70 -25.46
N VAL B 81 -8.03 -6.83 -26.02
CA VAL B 81 -7.56 -5.50 -26.45
C VAL B 81 -6.96 -4.70 -25.29
N TYR B 82 -7.53 -4.85 -24.10
CA TYR B 82 -7.07 -4.08 -22.93
C TYR B 82 -5.69 -4.55 -22.46
N VAL B 83 -5.38 -5.82 -22.68
CA VAL B 83 -4.05 -6.34 -22.41
C VAL B 83 -3.04 -5.76 -23.40
N LEU B 84 -3.42 -5.72 -24.68
CA LEU B 84 -2.56 -5.16 -25.73
C LEU B 84 -2.31 -3.66 -25.52
N GLU B 85 -3.36 -2.93 -25.17
CA GLU B 85 -3.25 -1.48 -24.95
C GLU B 85 -2.39 -1.18 -23.72
N GLU B 86 -2.43 -2.06 -22.73
CA GLU B 86 -1.59 -1.92 -21.56
C GLU B 86 -0.11 -2.16 -21.90
N ILE B 87 0.16 -3.20 -22.69
CA ILE B 87 1.52 -3.49 -23.13
C ILE B 87 2.14 -2.31 -23.89
N GLU B 88 1.43 -1.84 -24.93
CA GLU B 88 1.86 -0.72 -25.76
C GLU B 88 2.11 0.54 -24.91
N TYR B 89 1.19 0.83 -24.01
CA TYR B 89 1.30 1.97 -23.11
C TYR B 89 2.52 1.85 -22.18
N MET B 90 2.69 0.71 -21.54
CA MET B 90 3.79 0.55 -20.60
C MET B 90 5.15 0.58 -21.29
N ILE B 91 5.25 -0.02 -22.46
CA ILE B 91 6.47 0.04 -23.26
C ILE B 91 6.88 1.50 -23.49
N GLN B 92 5.95 2.30 -24.00
CA GLN B 92 6.29 3.69 -24.34
C GLN B 92 6.65 4.55 -23.12
N LYS B 93 6.02 4.29 -21.97
CA LYS B 93 6.28 5.08 -20.74
C LYS B 93 7.40 4.53 -19.84
N LEU B 94 7.81 3.28 -20.05
CA LEU B 94 8.75 2.60 -19.14
C LEU B 94 10.02 3.41 -18.79
N PRO B 95 10.69 4.01 -19.79
CA PRO B 95 11.90 4.80 -19.49
C PRO B 95 11.65 5.97 -18.53
N GLU B 96 10.50 6.64 -18.68
CA GLU B 96 10.12 7.73 -17.79
C GLU B 96 9.84 7.20 -16.39
N TRP B 97 9.05 6.12 -16.30
CA TRP B 97 8.67 5.57 -15.01
C TRP B 97 9.85 5.00 -14.25
N ALA B 98 10.79 4.40 -14.98
CA ALA B 98 11.97 3.78 -14.36
C ALA B 98 13.02 4.78 -13.91
N ALA B 99 13.01 5.98 -14.47
CA ALA B 99 14.04 6.97 -14.15
C ALA B 99 13.97 7.41 -12.68
N ASP B 100 15.13 7.72 -12.10
CA ASP B 100 15.18 8.38 -10.80
C ASP B 100 14.34 9.67 -10.86
N GLU B 101 13.53 9.92 -9.83
CA GLU B 101 12.64 11.09 -9.77
C GLU B 101 13.12 12.13 -8.75
N PRO B 102 13.78 13.20 -9.23
CA PRO B 102 14.11 14.30 -8.33
C PRO B 102 12.88 14.87 -7.63
N VAL B 103 13.02 15.20 -6.36
CA VAL B 103 11.92 15.79 -5.58
C VAL B 103 12.33 17.17 -5.07
N GLU B 104 11.40 17.85 -4.40
CA GLU B 104 11.61 19.23 -3.95
C GLU B 104 12.64 19.31 -2.83
N LYS B 105 13.60 20.22 -2.97
CA LYS B 105 14.62 20.46 -1.95
C LYS B 105 14.16 21.52 -0.96
N THR B 106 14.80 21.53 0.21
CA THR B 106 14.64 22.60 1.20
C THR B 106 15.93 23.40 1.24
N PRO B 107 15.93 24.56 1.91
CA PRO B 107 17.19 25.31 2.03
C PRO B 107 18.32 24.51 2.68
N GLN B 108 17.98 23.63 3.61
CA GLN B 108 18.97 22.82 4.31
C GLN B 108 19.52 21.70 3.42
N THR B 109 18.76 21.31 2.39
CA THR B 109 19.16 20.26 1.46
C THR B 109 19.39 20.77 0.02
N GLN B 110 19.53 22.09 -0.14
CA GLN B 110 19.62 22.67 -1.49
C GLN B 110 20.84 22.18 -2.27
N GLN B 111 21.93 21.91 -1.56
CA GLN B 111 23.18 21.49 -2.19
C GLN B 111 23.32 19.97 -2.27
N ASP B 112 22.28 19.26 -1.86
CA ASP B 112 22.23 17.79 -2.00
C ASP B 112 21.38 17.43 -3.20
N GLU B 113 21.34 16.14 -3.51
CA GLU B 113 20.34 15.65 -4.46
C GLU B 113 19.36 14.77 -3.69
N LEU B 114 18.07 14.99 -3.91
CA LEU B 114 17.03 14.16 -3.34
C LEU B 114 16.20 13.58 -4.46
N TYR B 115 15.95 12.28 -4.43
CA TYR B 115 15.17 11.62 -5.47
C TYR B 115 14.56 10.29 -5.03
N ILE B 116 13.56 9.85 -5.78
CA ILE B 116 12.97 8.54 -5.56
C ILE B 116 13.52 7.58 -6.61
N HIS B 117 14.11 6.49 -6.13
CA HIS B 117 14.68 5.46 -6.99
C HIS B 117 13.70 4.29 -7.00
N SER B 118 13.32 3.87 -8.21
CA SER B 118 12.41 2.74 -8.39
C SER B 118 13.22 1.48 -8.64
N GLU B 119 12.85 0.40 -7.96
CA GLU B 119 13.53 -0.88 -8.13
C GLU B 119 12.53 -2.03 -7.99
N PRO B 120 12.83 -3.18 -8.61
CA PRO B 120 11.90 -4.32 -8.49
C PRO B 120 11.80 -4.88 -7.07
N LEU B 121 10.68 -5.53 -6.77
CA LEU B 121 10.49 -6.20 -5.50
C LEU B 121 11.14 -7.58 -5.49
N GLY B 122 11.08 -8.28 -6.62
CA GLY B 122 11.74 -9.57 -6.77
C GLY B 122 10.91 -10.56 -7.55
N VAL B 123 10.28 -11.48 -6.85
CA VAL B 123 9.39 -12.47 -7.46
C VAL B 123 7.96 -12.14 -7.09
N VAL B 124 7.14 -11.85 -8.11
CA VAL B 124 5.75 -11.50 -7.92
C VAL B 124 4.89 -12.71 -8.24
N LEU B 125 3.88 -12.94 -7.41
CA LEU B 125 2.88 -13.97 -7.68
C LEU B 125 1.61 -13.28 -8.13
N VAL B 126 1.08 -13.70 -9.28
CA VAL B 126 -0.23 -13.28 -9.76
C VAL B 126 -1.14 -14.49 -9.70
N ILE B 127 -2.22 -14.38 -8.93
CA ILE B 127 -3.24 -15.42 -8.89
C ILE B 127 -4.43 -14.90 -9.69
N GLY B 128 -4.67 -15.52 -10.84
CA GLY B 128 -5.74 -15.09 -11.72
C GLY B 128 -7.09 -15.62 -11.31
N THR B 129 -8.14 -15.13 -11.97
CA THR B 129 -9.49 -15.63 -11.75
C THR B 129 -10.11 -16.04 -13.08
N TRP B 130 -11.31 -16.63 -13.03
CA TRP B 130 -11.86 -17.36 -14.16
C TRP B 130 -12.70 -16.52 -15.14
N ASN B 131 -13.28 -15.42 -14.68
CA ASN B 131 -14.28 -14.70 -15.47
C ASN B 131 -13.74 -13.91 -16.66
N TYR B 132 -12.55 -13.33 -16.49
CA TYR B 132 -11.78 -12.79 -17.62
C TYR B 132 -10.39 -13.36 -17.48
N PRO B 133 -10.23 -14.65 -17.84
CA PRO B 133 -9.04 -15.42 -17.49
C PRO B 133 -7.77 -15.06 -18.25
N PHE B 134 -7.90 -14.28 -19.33
CA PHE B 134 -6.72 -13.74 -20.00
C PHE B 134 -6.32 -12.38 -19.41
N ASN B 135 -7.29 -11.48 -19.30
CA ASN B 135 -7.05 -10.16 -18.71
C ASN B 135 -6.49 -10.25 -17.28
N LEU B 136 -7.20 -10.99 -16.43
CA LEU B 136 -6.89 -11.02 -15.00
C LEU B 136 -5.73 -11.94 -14.65
N THR B 137 -5.09 -12.52 -15.67
CA THR B 137 -3.81 -13.17 -15.49
C THR B 137 -2.70 -12.30 -16.12
N ILE B 138 -2.90 -11.91 -17.38
CA ILE B 138 -1.81 -11.31 -18.16
C ILE B 138 -1.64 -9.81 -17.94
N GLN B 139 -2.72 -9.07 -17.69
CA GLN B 139 -2.59 -7.63 -17.49
C GLN B 139 -1.85 -7.28 -16.19
N PRO B 140 -2.14 -7.97 -15.08
CA PRO B 140 -1.28 -7.79 -13.91
C PRO B 140 0.17 -8.21 -14.17
N MET B 141 0.35 -9.28 -14.91
CA MET B 141 1.65 -9.78 -15.24
C MET B 141 2.47 -8.82 -16.07
N VAL B 142 1.82 -8.10 -16.96
CA VAL B 142 2.46 -7.05 -17.77
C VAL B 142 3.09 -5.98 -16.86
N GLY B 143 2.31 -5.52 -15.89
CA GLY B 143 2.79 -4.54 -14.93
C GLY B 143 4.00 -5.02 -14.18
N ALA B 144 3.94 -6.25 -13.69
CA ALA B 144 5.03 -6.83 -12.92
C ALA B 144 6.30 -7.04 -13.74
N ILE B 145 6.14 -7.40 -15.02
CA ILE B 145 7.27 -7.52 -15.95
C ILE B 145 7.90 -6.15 -16.21
N ALA B 146 7.06 -5.14 -16.39
CA ALA B 146 7.51 -3.77 -16.63
C ALA B 146 8.37 -3.24 -15.48
N ALA B 147 8.03 -3.64 -14.25
CA ALA B 147 8.76 -3.22 -13.06
C ALA B 147 10.00 -4.06 -12.79
N GLY B 148 10.30 -5.01 -13.68
CA GLY B 148 11.55 -5.78 -13.63
C GLY B 148 11.54 -6.95 -12.67
N ASN B 149 10.35 -7.45 -12.35
CA ASN B 149 10.20 -8.61 -11.48
C ASN B 149 10.14 -9.90 -12.28
N ALA B 150 10.47 -11.01 -11.61
CA ALA B 150 10.06 -12.32 -12.06
C ALA B 150 8.60 -12.45 -11.70
N VAL B 151 7.84 -13.24 -12.47
CA VAL B 151 6.42 -13.39 -12.21
C VAL B 151 5.93 -14.84 -12.33
N VAL B 152 5.48 -15.39 -11.20
CA VAL B 152 4.82 -16.69 -11.18
C VAL B 152 3.33 -16.49 -11.39
N LEU B 153 2.75 -17.25 -12.31
CA LEU B 153 1.33 -17.14 -12.64
C LEU B 153 0.56 -18.38 -12.18
N LYS B 154 -0.54 -18.15 -11.47
CA LYS B 154 -1.44 -19.22 -11.04
C LYS B 154 -2.82 -18.94 -11.66
N PRO B 155 -3.12 -19.58 -12.81
CA PRO B 155 -4.44 -19.43 -13.42
C PRO B 155 -5.53 -20.12 -12.61
N SER B 156 -6.77 -19.64 -12.74
CA SER B 156 -7.92 -20.32 -12.14
C SER B 156 -8.28 -21.55 -12.97
N GLU B 157 -8.45 -22.66 -12.33
CA GLU B 157 -8.83 -23.88 -12.99
C GLU B 157 -10.22 -23.82 -13.57
N LEU B 158 -11.08 -22.98 -13.02
CA LEU B 158 -12.46 -22.87 -13.44
C LEU B 158 -12.58 -22.50 -14.89
N SER B 159 -11.69 -21.71 -15.41
CA SER B 159 -11.58 -21.54 -16.83
C SER B 159 -10.54 -22.49 -17.39
N GLU B 160 -10.95 -23.73 -17.57
CA GLU B 160 -10.08 -24.85 -17.81
C GLU B 160 -9.25 -24.73 -19.11
N ASN B 161 -9.90 -24.33 -20.17
CA ASN B 161 -9.26 -24.20 -21.48
C ASN B 161 -8.22 -23.08 -21.51
N MET B 162 -8.55 -21.94 -20.94
CA MET B 162 -7.60 -20.83 -20.88
C MET B 162 -6.42 -21.18 -19.99
N ALA B 163 -6.69 -21.87 -18.87
CA ALA B 163 -5.64 -22.26 -17.94
C ALA B 163 -4.60 -23.14 -18.63
N SER B 164 -5.08 -24.16 -19.34
CA SER B 164 -4.20 -25.10 -20.07
CA SER B 164 -4.20 -25.09 -20.06
C SER B 164 -3.50 -24.42 -21.22
N LEU B 165 -4.18 -23.48 -21.89
CA LEU B 165 -3.57 -22.78 -23.01
C LEU B 165 -2.39 -21.93 -22.56
N LEU B 166 -2.57 -21.17 -21.49
CA LEU B 166 -1.50 -20.29 -20.97
C LEU B 166 -0.31 -21.06 -20.39
N ALA B 167 -0.56 -22.22 -19.81
CA ALA B 167 0.50 -23.12 -19.38
C ALA B 167 1.37 -23.53 -20.57
N THR B 168 0.72 -23.74 -21.71
CA THR B 168 1.38 -24.14 -22.94
C THR B 168 2.08 -22.98 -23.64
N ILE B 169 1.38 -21.86 -23.84
CA ILE B 169 1.91 -20.80 -24.70
C ILE B 169 2.77 -19.74 -24.00
N ILE B 170 2.59 -19.52 -22.70
CA ILE B 170 3.40 -18.52 -22.00
C ILE B 170 4.90 -18.84 -22.13
N PRO B 171 5.30 -20.11 -21.85
CA PRO B 171 6.72 -20.48 -22.04
C PRO B 171 7.22 -20.51 -23.48
N GLN B 172 6.32 -20.47 -24.47
CA GLN B 172 6.73 -20.37 -25.87
C GLN B 172 7.24 -18.97 -26.23
N TYR B 173 6.75 -17.95 -25.53
CA TYR B 173 7.10 -16.57 -25.87
C TYR B 173 7.99 -15.90 -24.82
N LEU B 174 7.74 -16.17 -23.54
CA LEU B 174 8.50 -15.52 -22.46
C LEU B 174 9.62 -16.39 -21.94
N ASP B 175 10.55 -15.75 -21.22
CA ASP B 175 11.62 -16.46 -20.53
C ASP B 175 11.04 -17.57 -19.64
N LYS B 176 11.66 -18.76 -19.71
CA LYS B 176 11.12 -19.96 -19.06
C LYS B 176 11.26 -19.98 -17.54
N ASP B 177 12.41 -19.55 -17.03
CA ASP B 177 12.65 -19.53 -15.59
C ASP B 177 11.92 -18.39 -14.87
N LEU B 178 11.91 -17.21 -15.49
CA LEU B 178 11.40 -16.00 -14.84
C LEU B 178 9.88 -15.95 -14.72
N TYR B 179 9.18 -16.58 -15.66
CA TYR B 179 7.73 -16.43 -15.77
C TYR B 179 7.00 -17.77 -15.86
N PRO B 180 7.16 -18.61 -14.83
CA PRO B 180 6.54 -19.93 -14.88
C PRO B 180 5.03 -19.88 -14.67
N VAL B 181 4.35 -20.93 -15.11
CA VAL B 181 2.91 -21.09 -14.93
C VAL B 181 2.67 -22.31 -14.06
N ILE B 182 1.88 -22.14 -13.00
CA ILE B 182 1.61 -23.20 -12.03
C ILE B 182 0.20 -23.76 -12.24
N ASN B 183 0.13 -25.05 -12.57
CA ASN B 183 -1.14 -25.74 -12.80
C ASN B 183 -1.79 -26.19 -11.51
N GLY B 184 -3.09 -26.52 -11.60
CA GLY B 184 -3.82 -27.14 -10.50
C GLY B 184 -4.91 -26.25 -9.95
N GLY B 185 -5.46 -26.66 -8.81
CA GLY B 185 -6.57 -25.98 -8.16
C GLY B 185 -6.18 -25.40 -6.82
N VAL B 186 -7.07 -25.54 -5.83
CA VAL B 186 -6.85 -24.92 -4.54
C VAL B 186 -5.66 -25.52 -3.77
N PRO B 187 -5.54 -26.86 -3.71
CA PRO B 187 -4.40 -27.47 -3.00
C PRO B 187 -3.03 -27.04 -3.53
N GLU B 188 -2.94 -26.87 -4.84
CA GLU B 188 -1.72 -26.35 -5.46
C GLU B 188 -1.50 -24.88 -5.07
N THR B 189 -2.57 -24.10 -5.09
CA THR B 189 -2.50 -22.69 -4.71
C THR B 189 -2.10 -22.53 -3.24
N THR B 190 -2.60 -23.42 -2.40
CA THR B 190 -2.23 -23.44 -0.99
C THR B 190 -0.75 -23.75 -0.78
N GLU B 191 -0.26 -24.71 -1.53
CA GLU B 191 1.13 -25.01 -1.55
C GLU B 191 1.98 -23.87 -2.07
N LEU B 192 1.55 -23.32 -3.18
CA LEU B 192 2.22 -22.18 -3.81
C LEU B 192 2.35 -21.03 -2.82
N LEU B 193 1.29 -20.79 -2.04
CA LEU B 193 1.27 -19.71 -1.06
C LEU B 193 2.17 -19.91 0.17
N LYS B 194 2.77 -21.09 0.33
CA LYS B 194 3.81 -21.28 1.35
C LYS B 194 5.16 -20.71 0.89
N GLU B 195 5.31 -20.56 -0.42
CA GLU B 195 6.56 -20.09 -1.01
C GLU B 195 6.74 -18.61 -0.70
N ARG B 196 7.99 -18.15 -0.72
CA ARG B 196 8.30 -16.76 -0.40
C ARG B 196 8.26 -15.86 -1.63
N PHE B 197 7.30 -14.95 -1.65
CA PHE B 197 7.18 -13.97 -2.72
C PHE B 197 7.39 -12.54 -2.19
N ASP B 198 7.63 -11.63 -3.12
CA ASP B 198 7.85 -10.23 -2.79
C ASP B 198 6.64 -9.35 -3.05
N HIS B 199 5.64 -9.91 -3.74
CA HIS B 199 4.33 -9.27 -3.87
C HIS B 199 3.34 -10.32 -4.35
N ILE B 200 2.09 -10.19 -3.92
CA ILE B 200 1.02 -11.09 -4.37
C ILE B 200 -0.18 -10.27 -4.82
N LEU B 201 -0.56 -10.41 -6.08
CA LEU B 201 -1.82 -9.86 -6.55
C LEU B 201 -2.82 -11.01 -6.68
N TYR B 202 -3.99 -10.85 -6.06
CA TYR B 202 -5.07 -11.83 -6.12
C TYR B 202 -6.37 -11.14 -6.54
N THR B 203 -7.09 -11.79 -7.45
CA THR B 203 -8.44 -11.37 -7.79
C THR B 203 -9.38 -12.52 -7.46
N GLY B 204 -10.43 -12.24 -6.69
CA GLY B 204 -11.39 -13.28 -6.32
C GLY B 204 -12.31 -12.87 -5.20
N SER B 205 -12.48 -13.76 -4.22
CA SER B 205 -13.48 -13.57 -3.17
C SER B 205 -12.89 -12.94 -1.92
N THR B 206 -13.74 -12.18 -1.22
CA THR B 206 -13.43 -11.62 0.09
C THR B 206 -12.77 -12.65 1.04
N GLY B 207 -13.36 -13.84 1.11
CA GLY B 207 -12.89 -14.89 2.02
C GLY B 207 -11.50 -15.44 1.71
N VAL B 208 -11.19 -15.63 0.44
CA VAL B 208 -9.87 -16.14 0.05
C VAL B 208 -8.84 -15.01 0.15
N GLY B 209 -9.30 -13.77 -0.06
CA GLY B 209 -8.48 -12.58 0.16
C GLY B 209 -7.89 -12.54 1.56
N LYS B 210 -8.68 -12.94 2.54
CA LYS B 210 -8.22 -12.99 3.94
C LYS B 210 -7.18 -14.09 4.12
N ILE B 211 -7.47 -15.24 3.52
CA ILE B 211 -6.55 -16.38 3.52
C ILE B 211 -5.21 -15.98 2.88
N ILE B 212 -5.29 -15.29 1.75
CA ILE B 212 -4.08 -14.90 1.03
C ILE B 212 -3.26 -13.85 1.76
N MET B 213 -3.94 -12.89 2.39
CA MET B 213 -3.23 -11.89 3.19
C MET B 213 -2.55 -12.55 4.40
N THR B 214 -3.26 -13.47 5.04
CA THR B 214 -2.71 -14.22 6.18
C THR B 214 -1.43 -14.96 5.77
N ALA B 215 -1.47 -15.64 4.63
CA ALA B 215 -0.28 -16.37 4.15
C ALA B 215 0.84 -15.40 3.78
N ALA B 216 0.48 -14.27 3.20
CA ALA B 216 1.44 -13.23 2.83
C ALA B 216 2.20 -12.68 4.03
N ALA B 217 1.50 -12.56 5.15
CA ALA B 217 2.08 -11.99 6.36
C ALA B 217 3.26 -12.80 6.89
N LYS B 218 3.23 -14.12 6.69
CA LYS B 218 4.31 -14.98 7.16
C LYS B 218 5.68 -14.63 6.56
N HIS B 219 5.67 -14.05 5.34
CA HIS B 219 6.88 -13.53 4.71
C HIS B 219 6.86 -11.99 4.56
N LEU B 220 6.00 -11.33 5.34
CA LEU B 220 5.78 -9.88 5.22
C LEU B 220 5.72 -9.44 3.76
N THR B 221 4.88 -10.13 2.99
CA THR B 221 4.73 -9.85 1.57
C THR B 221 3.57 -8.87 1.34
N PRO B 222 3.82 -7.78 0.61
CA PRO B 222 2.70 -6.86 0.33
C PRO B 222 1.70 -7.47 -0.66
N VAL B 223 0.43 -7.08 -0.55
CA VAL B 223 -0.62 -7.65 -1.39
C VAL B 223 -1.44 -6.60 -2.11
N THR B 224 -1.83 -6.92 -3.33
CA THR B 224 -2.88 -6.22 -4.04
C THR B 224 -4.05 -7.21 -4.15
N LEU B 225 -5.17 -6.86 -3.52
CA LEU B 225 -6.34 -7.74 -3.49
C LEU B 225 -7.53 -7.05 -4.15
N GLU B 226 -8.07 -7.67 -5.21
CA GLU B 226 -9.30 -7.21 -5.84
C GLU B 226 -10.40 -8.20 -5.51
N LEU B 227 -11.29 -7.81 -4.59
CA LEU B 227 -12.19 -8.74 -3.94
C LEU B 227 -13.63 -8.49 -4.37
N GLY B 228 -14.59 -9.06 -3.64
CA GLY B 228 -15.99 -8.99 -4.06
C GLY B 228 -16.76 -7.77 -3.57
N GLY B 229 -18.06 -7.81 -3.82
CA GLY B 229 -18.97 -6.76 -3.40
C GLY B 229 -20.12 -6.68 -4.37
N LYS B 230 -21.15 -5.94 -4.01
CA LYS B 230 -22.28 -5.70 -4.91
C LYS B 230 -22.26 -4.24 -5.33
N SER B 231 -21.86 -4.00 -6.58
CA SER B 231 -21.75 -2.65 -7.11
C SER B 231 -23.13 -2.05 -7.33
N PRO B 232 -23.48 -1.01 -6.55
CA PRO B 232 -24.81 -0.41 -6.67
C PRO B 232 -24.96 0.50 -7.89
N CYS B 233 -26.18 0.55 -8.41
CA CYS B 233 -26.50 1.40 -9.56
C CYS B 233 -27.72 2.26 -9.26
N TYR B 234 -27.48 3.47 -8.76
CA TYR B 234 -28.55 4.38 -8.41
C TYR B 234 -29.02 5.11 -9.66
N VAL B 235 -30.30 5.03 -9.97
CA VAL B 235 -30.87 5.69 -11.14
C VAL B 235 -31.73 6.87 -10.68
N ASP B 236 -31.40 8.06 -11.18
CA ASP B 236 -32.06 9.30 -10.74
C ASP B 236 -33.42 9.40 -11.41
N LYS B 237 -34.37 9.94 -10.65
CA LYS B 237 -35.76 10.12 -11.10
C LYS B 237 -35.88 10.97 -12.38
N ASN B 238 -35.03 12.00 -12.52
CA ASN B 238 -35.19 13.00 -13.59
C ASN B 238 -34.22 12.86 -14.76
N CYS B 239 -33.74 11.65 -15.03
CA CYS B 239 -32.76 11.44 -16.09
C CYS B 239 -33.34 10.66 -17.28
N ASP B 240 -32.66 10.76 -18.41
CA ASP B 240 -33.07 10.04 -19.62
C ASP B 240 -32.89 8.54 -19.41
N LEU B 241 -33.99 7.84 -19.16
CA LEU B 241 -33.95 6.41 -18.84
C LEU B 241 -33.66 5.53 -20.06
N ASP B 242 -33.90 6.04 -21.26
CA ASP B 242 -33.56 5.31 -22.48
C ASP B 242 -32.05 5.11 -22.59
N VAL B 243 -31.31 6.18 -22.34
CA VAL B 243 -29.85 6.13 -22.39
C VAL B 243 -29.32 5.36 -21.18
N ALA B 244 -29.85 5.68 -20.00
CA ALA B 244 -29.42 5.04 -18.77
C ALA B 244 -29.56 3.52 -18.83
N CYS B 245 -30.75 3.04 -19.17
CA CYS B 245 -31.05 1.60 -19.12
C CYS B 245 -30.32 0.79 -20.17
N ARG B 246 -30.02 1.40 -21.31
CA ARG B 246 -29.24 0.74 -22.35
C ARG B 246 -27.79 0.53 -21.89
N ARG B 247 -27.23 1.53 -21.24
CA ARG B 247 -25.87 1.44 -20.69
C ARG B 247 -25.82 0.45 -19.52
N ILE B 248 -26.81 0.51 -18.64
CA ILE B 248 -26.91 -0.41 -17.50
C ILE B 248 -27.01 -1.84 -17.99
N ALA B 249 -27.89 -2.06 -18.98
CA ALA B 249 -28.12 -3.40 -19.55
C ALA B 249 -26.85 -3.97 -20.15
N TRP B 250 -26.11 -3.14 -20.87
CA TRP B 250 -24.85 -3.53 -21.48
C TRP B 250 -23.82 -4.00 -20.45
N GLY B 251 -23.61 -3.20 -19.40
CA GLY B 251 -22.64 -3.54 -18.37
C GLY B 251 -23.06 -4.72 -17.52
N LYS B 252 -24.36 -4.83 -17.28
CA LYS B 252 -24.90 -5.89 -16.44
C LYS B 252 -24.83 -7.26 -17.11
N PHE B 253 -25.13 -7.31 -18.40
CA PHE B 253 -25.36 -8.60 -19.07
C PHE B 253 -24.23 -9.06 -20.00
N MET B 254 -23.13 -8.31 -20.07
CA MET B 254 -21.94 -8.80 -20.76
C MET B 254 -21.34 -9.93 -19.92
N ASN B 255 -20.70 -10.88 -20.59
CA ASN B 255 -20.11 -12.05 -19.94
C ASN B 255 -21.13 -12.77 -19.05
N SER B 256 -22.39 -12.75 -19.48
CA SER B 256 -23.51 -13.29 -18.70
C SER B 256 -23.52 -12.79 -17.26
N GLY B 257 -23.28 -11.48 -17.09
CA GLY B 257 -23.29 -10.86 -15.78
C GLY B 257 -22.12 -11.17 -14.87
N GLN B 258 -21.08 -11.80 -15.41
CA GLN B 258 -19.94 -12.26 -14.61
C GLN B 258 -18.80 -11.27 -14.72
N THR B 259 -19.04 -10.06 -14.20
CA THR B 259 -18.03 -8.98 -14.23
C THR B 259 -17.94 -8.36 -12.84
N CYS B 260 -16.71 -8.06 -12.41
CA CYS B 260 -16.46 -7.54 -11.08
C CYS B 260 -17.10 -6.17 -10.84
N VAL B 261 -17.15 -5.34 -11.89
CA VAL B 261 -17.76 -4.02 -11.79
C VAL B 261 -19.03 -3.91 -12.63
N ALA B 262 -19.73 -5.03 -12.80
CA ALA B 262 -21.08 -5.00 -13.36
C ALA B 262 -21.99 -4.32 -12.35
N PRO B 263 -22.94 -3.48 -12.83
CA PRO B 263 -23.93 -2.98 -11.86
C PRO B 263 -24.73 -4.15 -11.29
N ASP B 264 -24.43 -4.53 -10.06
CA ASP B 264 -25.05 -5.71 -9.45
C ASP B 264 -26.55 -5.54 -9.32
N TYR B 265 -26.96 -4.40 -8.78
CA TYR B 265 -28.37 -4.08 -8.54
C TYR B 265 -28.69 -2.60 -8.75
N ILE B 266 -29.97 -2.32 -8.99
CA ILE B 266 -30.47 -0.97 -9.18
C ILE B 266 -31.17 -0.47 -7.92
N LEU B 267 -30.91 0.80 -7.58
CA LEU B 267 -31.67 1.53 -6.57
C LEU B 267 -32.41 2.65 -7.30
N CYS B 268 -33.72 2.68 -7.19
CA CYS B 268 -34.51 3.72 -7.85
C CYS B 268 -35.80 4.01 -7.09
N ASP B 269 -36.38 5.17 -7.38
CA ASP B 269 -37.70 5.54 -6.85
C ASP B 269 -38.73 4.56 -7.41
N PRO B 270 -39.72 4.16 -6.59
CA PRO B 270 -40.80 3.30 -7.11
C PRO B 270 -41.54 3.90 -8.32
N SER B 271 -41.51 5.22 -8.46
CA SER B 271 -42.20 5.90 -9.56
C SER B 271 -41.65 5.58 -10.95
N ILE B 272 -40.38 5.19 -11.04
CA ILE B 272 -39.74 4.93 -12.33
C ILE B 272 -39.38 3.46 -12.56
N GLN B 273 -39.72 2.60 -11.62
CA GLN B 273 -39.34 1.20 -11.67
C GLN B 273 -39.85 0.49 -12.93
N ASN B 274 -41.11 0.64 -13.24
CA ASN B 274 -41.65 -0.02 -14.37
C ASN B 274 -41.08 0.47 -15.68
N GLN B 275 -40.82 1.75 -15.79
CA GLN B 275 -40.16 2.30 -16.98
C GLN B 275 -38.76 1.72 -17.17
N ILE B 276 -38.02 1.58 -16.08
CA ILE B 276 -36.69 0.96 -16.13
C ILE B 276 -36.80 -0.48 -16.65
N VAL B 277 -37.76 -1.22 -16.15
CA VAL B 277 -38.00 -2.60 -16.59
C VAL B 277 -38.23 -2.64 -18.10
N GLU B 278 -39.08 -1.76 -18.59
CA GLU B 278 -39.43 -1.72 -20.02
C GLU B 278 -38.25 -1.33 -20.89
N LYS B 279 -37.46 -0.37 -20.43
CA LYS B 279 -36.29 0.08 -21.21
C LYS B 279 -35.15 -0.94 -21.15
N LEU B 280 -34.98 -1.59 -20.00
CA LEU B 280 -34.05 -2.72 -19.91
C LEU B 280 -34.47 -3.83 -20.88
N LYS B 281 -35.76 -4.18 -20.86
CA LYS B 281 -36.32 -5.16 -21.79
C LYS B 281 -36.03 -4.81 -23.25
N LYS B 282 -36.34 -3.57 -23.62
CA LYS B 282 -36.14 -3.09 -24.99
C LYS B 282 -34.70 -3.25 -25.44
N SER B 283 -33.77 -2.70 -24.64
CA SER B 283 -32.34 -2.81 -24.94
C SER B 283 -31.87 -4.25 -25.00
N LEU B 284 -32.34 -5.09 -24.07
CA LEU B 284 -31.99 -6.51 -24.06
C LEU B 284 -32.47 -7.24 -25.32
N LYS B 285 -33.65 -6.88 -25.81
CA LYS B 285 -34.16 -7.41 -27.08
C LYS B 285 -33.28 -7.00 -28.25
N GLU B 286 -32.87 -5.74 -28.29
CA GLU B 286 -32.00 -5.24 -29.36
C GLU B 286 -30.63 -5.93 -29.34
N PHE B 287 -30.08 -6.12 -28.14
CA PHE B 287 -28.78 -6.77 -27.98
C PHE B 287 -28.80 -8.24 -28.41
N TYR B 288 -29.72 -9.01 -27.85
CA TYR B 288 -29.70 -10.47 -27.93
C TYR B 288 -30.91 -11.14 -28.61
N GLY B 289 -31.84 -10.35 -29.12
CA GLY B 289 -33.04 -10.88 -29.77
C GLY B 289 -34.10 -11.31 -28.78
N GLU B 290 -35.20 -11.85 -29.28
CA GLU B 290 -36.29 -12.30 -28.42
C GLU B 290 -35.84 -13.46 -27.52
N ASP B 291 -35.05 -14.37 -28.09
CA ASP B 291 -34.52 -15.52 -27.35
C ASP B 291 -33.00 -15.39 -27.25
N ALA B 292 -32.52 -14.90 -26.11
CA ALA B 292 -31.09 -14.68 -25.88
C ALA B 292 -30.25 -15.95 -26.02
N LYS B 293 -30.88 -17.10 -25.80
CA LYS B 293 -30.22 -18.40 -25.97
C LYS B 293 -29.65 -18.62 -27.38
N LYS B 294 -30.23 -17.96 -28.38
CA LYS B 294 -29.78 -18.07 -29.77
C LYS B 294 -28.69 -17.06 -30.16
N SER B 295 -28.33 -16.15 -29.25
CA SER B 295 -27.38 -15.10 -29.57
C SER B 295 -25.93 -15.54 -29.38
N ARG B 296 -25.12 -15.36 -30.39
CA ARG B 296 -23.69 -15.55 -30.36
C ARG B 296 -23.00 -14.70 -29.29
N ASP B 297 -23.58 -13.55 -28.99
CA ASP B 297 -23.00 -12.54 -28.10
C ASP B 297 -23.36 -12.71 -26.62
N TYR B 298 -24.23 -13.66 -26.31
CA TYR B 298 -24.64 -13.89 -24.94
C TYR B 298 -23.85 -15.08 -24.38
N GLY B 299 -23.26 -14.88 -23.21
CA GLY B 299 -22.38 -15.86 -22.60
C GLY B 299 -23.11 -16.95 -21.84
N ARG B 300 -22.34 -17.78 -21.15
CA ARG B 300 -22.88 -18.87 -20.33
C ARG B 300 -22.19 -18.86 -18.97
N ILE B 301 -22.91 -19.35 -17.96
CA ILE B 301 -22.36 -19.44 -16.61
C ILE B 301 -21.16 -20.38 -16.63
N ILE B 302 -20.17 -20.09 -15.81
CA ILE B 302 -18.86 -20.74 -15.88
C ILE B 302 -18.89 -22.23 -15.54
N SER B 303 -19.66 -22.60 -14.52
CA SER B 303 -19.66 -23.97 -14.02
C SER B 303 -20.99 -24.34 -13.40
N ALA B 304 -21.18 -25.65 -13.19
CA ALA B 304 -22.40 -26.18 -12.63
C ALA B 304 -22.70 -25.58 -11.26
N ARG B 305 -21.65 -25.40 -10.45
CA ARG B 305 -21.79 -24.86 -9.10
C ARG B 305 -22.41 -23.48 -9.13
N HIS B 306 -21.89 -22.61 -9.98
CA HIS B 306 -22.39 -21.23 -10.04
C HIS B 306 -23.73 -21.11 -10.76
N PHE B 307 -24.01 -21.99 -11.71
CA PHE B 307 -25.35 -22.03 -12.33
C PHE B 307 -26.41 -22.27 -11.27
N GLN B 308 -26.20 -23.30 -10.47
CA GLN B 308 -27.11 -23.64 -9.38
C GLN B 308 -27.19 -22.50 -8.37
N ARG B 309 -26.05 -21.88 -8.07
CA ARG B 309 -26.01 -20.74 -7.16
C ARG B 309 -26.88 -19.61 -7.68
N VAL B 310 -26.66 -19.21 -8.93
CA VAL B 310 -27.36 -18.06 -9.51
C VAL B 310 -28.85 -18.35 -9.68
N MET B 311 -29.20 -19.52 -10.20
CA MET B 311 -30.62 -19.90 -10.32
C MET B 311 -31.32 -19.81 -8.97
N GLY B 312 -30.64 -20.24 -7.91
CA GLY B 312 -31.19 -20.16 -6.54
C GLY B 312 -31.61 -18.76 -6.10
N LEU B 313 -30.98 -17.74 -6.67
CA LEU B 313 -31.28 -16.35 -6.35
C LEU B 313 -32.59 -15.79 -6.95
N ILE B 314 -33.09 -16.46 -7.94
CA ILE B 314 -34.31 -16.09 -8.59
C ILE B 314 -35.51 -16.58 -7.78
N GLU B 315 -35.30 -17.62 -7.00
CA GLU B 315 -36.41 -18.27 -6.34
C GLU B 315 -37.04 -17.45 -5.24
N GLY B 316 -38.34 -17.35 -5.33
CA GLY B 316 -39.15 -16.58 -4.43
C GLY B 316 -39.27 -15.13 -4.81
N GLN B 317 -38.75 -14.74 -5.96
CA GLN B 317 -38.77 -13.36 -6.39
C GLN B 317 -39.87 -13.08 -7.37
N LYS B 318 -40.29 -11.83 -7.45
CA LYS B 318 -41.21 -11.39 -8.50
C LYS B 318 -40.41 -11.13 -9.76
N VAL B 319 -40.66 -11.93 -10.80
CA VAL B 319 -39.90 -11.88 -12.04
C VAL B 319 -40.61 -11.02 -13.07
N ALA B 320 -39.94 -9.97 -13.54
CA ALA B 320 -40.50 -9.09 -14.57
C ALA B 320 -40.10 -9.53 -15.97
N TYR B 321 -39.04 -10.32 -16.07
CA TYR B 321 -38.48 -10.71 -17.37
C TYR B 321 -37.48 -11.86 -17.21
N GLY B 322 -37.51 -12.80 -18.15
CA GLY B 322 -36.63 -13.96 -18.10
C GLY B 322 -36.98 -14.86 -16.93
N GLY B 323 -35.96 -15.28 -16.17
CA GLY B 323 -36.17 -16.06 -14.95
C GLY B 323 -36.02 -17.55 -15.07
N THR B 324 -35.71 -18.04 -16.28
CA THR B 324 -35.50 -19.46 -16.52
C THR B 324 -34.06 -19.72 -16.95
N GLY B 325 -33.65 -20.98 -16.88
CA GLY B 325 -32.31 -21.40 -17.29
C GLY B 325 -32.25 -22.85 -17.71
N ASP B 326 -31.20 -23.18 -18.44
CA ASP B 326 -30.98 -24.51 -18.97
C ASP B 326 -29.69 -25.08 -18.36
N ALA B 327 -29.84 -26.06 -17.47
CA ALA B 327 -28.72 -26.66 -16.74
C ALA B 327 -27.67 -27.32 -17.65
N ALA B 328 -28.12 -27.95 -18.72
CA ALA B 328 -27.22 -28.68 -19.62
C ALA B 328 -26.20 -27.77 -20.32
N THR B 329 -26.62 -26.56 -20.67
CA THR B 329 -25.73 -25.58 -21.32
C THR B 329 -25.31 -24.44 -20.38
N ARG B 330 -25.84 -24.42 -19.16
CA ARG B 330 -25.55 -23.38 -18.17
C ARG B 330 -25.94 -21.98 -18.70
N TYR B 331 -27.05 -21.95 -19.43
CA TYR B 331 -27.64 -20.70 -19.93
C TYR B 331 -28.59 -20.18 -18.86
N ILE B 332 -28.53 -18.88 -18.61
CA ILE B 332 -29.53 -18.22 -17.76
C ILE B 332 -30.06 -17.01 -18.49
N ALA B 333 -31.36 -16.97 -18.72
CA ALA B 333 -31.99 -15.89 -19.48
C ALA B 333 -31.78 -14.57 -18.76
N PRO B 334 -31.59 -13.47 -19.51
CA PRO B 334 -31.53 -12.17 -18.86
C PRO B 334 -32.76 -12.00 -17.98
N THR B 335 -32.55 -11.71 -16.71
CA THR B 335 -33.62 -11.72 -15.73
C THR B 335 -33.65 -10.42 -14.95
N ILE B 336 -34.85 -9.86 -14.81
CA ILE B 336 -35.07 -8.65 -14.02
C ILE B 336 -36.06 -8.94 -12.89
N LEU B 337 -35.73 -8.52 -11.67
CA LEU B 337 -36.61 -8.72 -10.52
C LEU B 337 -37.09 -7.39 -9.96
N THR B 338 -38.38 -7.33 -9.60
CA THR B 338 -39.01 -6.11 -9.11
C THR B 338 -39.33 -6.18 -7.61
N ASP B 339 -39.21 -5.04 -6.93
CA ASP B 339 -39.64 -4.84 -5.54
C ASP B 339 -38.91 -5.83 -4.65
N VAL B 340 -37.60 -5.90 -4.85
CA VAL B 340 -36.78 -6.91 -4.24
C VAL B 340 -36.51 -6.57 -2.77
N ASP B 341 -36.70 -7.56 -1.91
CA ASP B 341 -36.40 -7.45 -0.49
C ASP B 341 -34.88 -7.39 -0.31
N PRO B 342 -34.37 -6.29 0.29
CA PRO B 342 -32.93 -6.19 0.58
C PRO B 342 -32.35 -7.36 1.38
N GLN B 343 -33.20 -8.01 2.19
CA GLN B 343 -32.77 -9.12 3.03
C GLN B 343 -32.88 -10.49 2.36
N SER B 344 -33.38 -10.55 1.12
CA SER B 344 -33.49 -11.82 0.40
C SER B 344 -32.13 -12.22 -0.19
N PRO B 345 -31.95 -13.53 -0.52
CA PRO B 345 -30.65 -14.02 -1.02
C PRO B 345 -30.03 -13.22 -2.18
N VAL B 346 -30.84 -12.81 -3.15
CA VAL B 346 -30.31 -12.08 -4.31
C VAL B 346 -29.67 -10.74 -3.91
N MET B 347 -30.08 -10.18 -2.79
CA MET B 347 -29.48 -8.94 -2.29
C MET B 347 -28.55 -9.14 -1.07
N GLN B 348 -28.12 -10.38 -0.83
CA GLN B 348 -27.21 -10.70 0.27
C GLN B 348 -25.89 -11.36 -0.18
N GLU B 349 -25.68 -11.45 -1.48
CA GLU B 349 -24.41 -11.90 -2.02
C GLU B 349 -24.19 -11.33 -3.42
N GLU B 350 -22.93 -11.25 -3.83
CA GLU B 350 -22.58 -10.84 -5.18
C GLU B 350 -23.24 -11.80 -6.17
N ILE B 351 -24.00 -11.25 -7.11
CA ILE B 351 -24.81 -12.06 -8.02
C ILE B 351 -23.91 -12.78 -9.04
N PHE B 352 -23.11 -12.02 -9.77
CA PHE B 352 -22.21 -12.59 -10.78
C PHE B 352 -22.97 -13.47 -11.77
N GLY B 353 -24.09 -12.92 -12.24
CA GLY B 353 -24.98 -13.63 -13.15
C GLY B 353 -26.00 -12.67 -13.74
N PRO B 354 -26.74 -13.12 -14.75
CA PRO B 354 -27.65 -12.23 -15.47
C PRO B 354 -29.00 -12.11 -14.78
N VAL B 355 -28.97 -11.71 -13.51
CA VAL B 355 -30.16 -11.49 -12.70
C VAL B 355 -30.03 -10.09 -12.12
N LEU B 356 -30.93 -9.20 -12.51
CA LEU B 356 -30.85 -7.80 -12.14
C LEU B 356 -31.99 -7.41 -11.21
N PRO B 357 -31.70 -7.33 -9.89
CA PRO B 357 -32.74 -6.93 -8.95
C PRO B 357 -32.90 -5.41 -8.85
N ILE B 358 -34.14 -4.99 -8.64
CA ILE B 358 -34.45 -3.58 -8.42
C ILE B 358 -34.94 -3.42 -6.99
N VAL B 359 -34.19 -2.66 -6.20
CA VAL B 359 -34.58 -2.33 -4.84
C VAL B 359 -35.08 -0.89 -4.83
N CYS B 360 -36.20 -0.67 -4.15
CA CYS B 360 -36.84 0.64 -4.13
C CYS B 360 -36.37 1.50 -2.95
N VAL B 361 -36.10 2.77 -3.24
CA VAL B 361 -35.73 3.77 -2.24
C VAL B 361 -36.49 5.05 -2.56
N ARG B 362 -36.76 5.86 -1.54
CA ARG B 362 -37.60 7.06 -1.73
C ARG B 362 -36.82 8.31 -2.11
N SER B 363 -35.51 8.30 -1.92
CA SER B 363 -34.69 9.46 -2.21
C SER B 363 -33.21 9.12 -2.39
N LEU B 364 -32.46 10.10 -2.87
CA LEU B 364 -31.01 10.00 -2.94
C LEU B 364 -30.44 9.64 -1.56
N GLU B 365 -30.98 10.29 -0.53
CA GLU B 365 -30.45 10.17 0.83
C GLU B 365 -30.66 8.76 1.41
N GLU B 366 -31.80 8.16 1.11
CA GLU B 366 -32.04 6.77 1.50
C GLU B 366 -31.08 5.83 0.74
N ALA B 367 -30.79 6.17 -0.52
CA ALA B 367 -29.88 5.36 -1.34
C ALA B 367 -28.45 5.43 -0.81
N ILE B 368 -28.02 6.62 -0.37
CA ILE B 368 -26.70 6.83 0.23
C ILE B 368 -26.54 6.03 1.53
N GLN B 369 -27.55 6.11 2.38
CA GLN B 369 -27.59 5.37 3.64
C GLN B 369 -27.58 3.87 3.37
N PHE B 370 -28.39 3.43 2.41
CA PHE B 370 -28.45 2.03 2.00
C PHE B 370 -27.07 1.52 1.55
N ILE B 371 -26.39 2.29 0.72
CA ILE B 371 -25.05 1.94 0.26
C ILE B 371 -24.05 1.93 1.43
N ASN B 372 -24.18 2.89 2.34
CA ASN B 372 -23.25 3.02 3.48
C ASN B 372 -23.42 1.97 4.57
N GLN B 373 -24.62 1.40 4.67
CA GLN B 373 -24.88 0.35 5.66
C GLN B 373 -24.28 -0.98 5.24
N ARG B 374 -23.93 -1.10 3.97
CA ARG B 374 -23.31 -2.31 3.43
C ARG B 374 -21.80 -2.14 3.28
N GLU B 375 -21.12 -3.21 2.91
CA GLU B 375 -19.68 -3.18 2.69
C GLU B 375 -19.34 -2.33 1.47
N LYS B 376 -18.17 -1.70 1.49
CA LYS B 376 -17.75 -0.77 0.45
C LYS B 376 -17.54 -1.51 -0.87
N PRO B 377 -18.30 -1.16 -1.91
CA PRO B 377 -18.26 -1.89 -3.17
C PRO B 377 -17.07 -1.51 -4.06
N LEU B 378 -16.71 -2.41 -4.98
CA LEU B 378 -15.62 -2.17 -5.92
C LEU B 378 -15.93 -1.00 -6.85
N ALA B 379 -17.16 -0.95 -7.36
CA ALA B 379 -17.62 0.14 -8.20
C ALA B 379 -18.93 0.73 -7.67
N LEU B 380 -19.09 2.03 -7.80
CA LEU B 380 -20.36 2.69 -7.51
C LEU B 380 -20.86 3.39 -8.77
N TYR B 381 -22.13 3.16 -9.10
CA TYR B 381 -22.73 3.78 -10.27
C TYR B 381 -23.91 4.66 -9.91
N MET B 382 -24.04 5.76 -10.65
CA MET B 382 -25.16 6.67 -10.52
C MET B 382 -25.49 7.19 -11.89
N PHE B 383 -26.77 7.16 -12.25
CA PHE B 383 -27.24 7.75 -13.50
C PHE B 383 -28.06 8.98 -13.18
N SER B 384 -27.59 10.14 -13.62
CA SER B 384 -28.21 11.43 -13.29
C SER B 384 -27.68 12.56 -14.16
N SER B 385 -28.53 13.55 -14.43
CA SER B 385 -28.14 14.76 -15.15
C SER B 385 -27.84 15.91 -14.18
N ASN B 386 -28.14 15.68 -12.91
CA ASN B 386 -27.96 16.67 -11.86
C ASN B 386 -26.53 16.57 -11.29
N ASP B 387 -25.74 17.62 -11.48
CA ASP B 387 -24.34 17.65 -11.00
C ASP B 387 -24.23 17.50 -9.48
N LYS B 388 -25.12 18.14 -8.74
CA LYS B 388 -25.10 18.13 -7.28
C LYS B 388 -25.45 16.76 -6.71
N VAL B 389 -26.32 16.02 -7.39
CA VAL B 389 -26.63 14.64 -7.02
C VAL B 389 -25.37 13.78 -7.14
N ILE B 390 -24.62 13.99 -8.23
CA ILE B 390 -23.40 13.23 -8.51
C ILE B 390 -22.33 13.51 -7.46
N LYS B 391 -22.12 14.79 -7.13
CA LYS B 391 -21.11 15.17 -6.15
C LYS B 391 -21.49 14.69 -4.77
N LYS B 392 -22.77 14.83 -4.43
CA LYS B 392 -23.28 14.43 -3.12
C LYS B 392 -23.13 12.93 -2.90
N MET B 393 -23.53 12.13 -3.88
CA MET B 393 -23.40 10.68 -3.76
CA MET B 393 -23.39 10.68 -3.84
C MET B 393 -21.94 10.30 -3.56
N ILE B 394 -21.03 10.86 -4.37
CA ILE B 394 -19.61 10.59 -4.23
C ILE B 394 -19.07 11.04 -2.86
N ALA B 395 -19.38 12.27 -2.47
CA ALA B 395 -18.87 12.85 -1.23
C ALA B 395 -19.26 12.05 0.01
N GLU B 396 -20.45 11.46 0.00
CA GLU B 396 -21.01 10.81 1.19
C GLU B 396 -20.92 9.28 1.21
N THR B 397 -20.34 8.69 0.16
CA THR B 397 -20.11 7.25 0.10
C THR B 397 -18.64 6.99 -0.11
N SER B 398 -18.26 5.71 -0.04
CA SER B 398 -16.92 5.27 -0.43
C SER B 398 -17.01 3.96 -1.23
N SER B 399 -16.23 3.91 -2.32
CA SER B 399 -16.19 2.74 -3.19
C SER B 399 -14.84 2.73 -3.89
N GLY B 400 -14.44 1.59 -4.41
CA GLY B 400 -13.18 1.46 -5.15
C GLY B 400 -13.03 2.52 -6.23
N GLY B 401 -13.93 2.48 -7.20
CA GLY B 401 -14.03 3.51 -8.23
C GLY B 401 -15.48 3.90 -8.42
N VAL B 402 -15.70 4.98 -9.19
CA VAL B 402 -17.03 5.53 -9.43
C VAL B 402 -17.16 5.89 -10.89
N ALA B 403 -18.32 5.58 -11.47
CA ALA B 403 -18.67 6.10 -12.79
C ALA B 403 -20.06 6.71 -12.74
N ALA B 404 -20.21 7.92 -13.24
CA ALA B 404 -21.51 8.56 -13.37
C ALA B 404 -21.96 8.52 -14.82
N ASN B 405 -23.16 7.99 -15.04
CA ASN B 405 -23.78 7.90 -16.37
C ASN B 405 -23.14 6.89 -17.32
N ASP B 406 -22.37 5.96 -16.78
CA ASP B 406 -21.91 4.80 -17.53
C ASP B 406 -21.43 3.72 -16.58
N VAL B 407 -21.16 2.53 -17.12
CA VAL B 407 -20.70 1.41 -16.33
C VAL B 407 -19.47 0.82 -16.99
N ILE B 408 -18.67 0.07 -16.24
CA ILE B 408 -17.53 -0.70 -16.76
C ILE B 408 -16.33 0.16 -17.20
N VAL B 409 -16.57 1.12 -18.10
CA VAL B 409 -15.50 1.85 -18.78
C VAL B 409 -14.42 2.53 -17.90
N HIS B 410 -14.75 2.84 -16.65
CA HIS B 410 -13.79 3.50 -15.76
C HIS B 410 -12.56 2.65 -15.37
N ILE B 411 -12.66 1.33 -15.48
CA ILE B 411 -11.55 0.45 -15.10
C ILE B 411 -10.59 0.13 -16.26
N THR B 412 -10.86 0.69 -17.43
CA THR B 412 -10.08 0.42 -18.64
C THR B 412 -9.17 1.59 -19.02
N LEU B 413 -9.42 2.77 -18.45
CA LEU B 413 -8.68 3.96 -18.82
C LEU B 413 -7.33 4.00 -18.12
N HIS B 414 -6.28 4.27 -18.90
N HIS B 414 -6.28 4.27 -18.91
CA HIS B 414 -4.90 4.26 -18.39
CA HIS B 414 -4.91 4.30 -18.42
C HIS B 414 -4.69 5.26 -17.24
C HIS B 414 -4.68 5.26 -17.26
N SER B 415 -5.39 6.40 -17.30
CA SER B 415 -5.20 7.46 -16.32
C SER B 415 -5.93 7.24 -15.00
N LEU B 416 -6.76 6.20 -14.90
CA LEU B 416 -7.50 5.91 -13.68
C LEU B 416 -7.03 4.59 -13.05
N PRO B 417 -6.22 4.68 -11.98
CA PRO B 417 -5.85 3.48 -11.23
C PRO B 417 -7.09 2.66 -10.85
N PHE B 418 -6.95 1.35 -10.83
CA PHE B 418 -8.08 0.48 -10.56
C PHE B 418 -7.87 -0.34 -9.29
N GLY B 419 -8.89 -0.40 -8.45
CA GLY B 419 -8.83 -1.20 -7.24
C GLY B 419 -9.97 -0.94 -6.27
N GLY B 420 -9.98 -1.71 -5.19
CA GLY B 420 -11.07 -1.67 -4.23
C GLY B 420 -10.76 -0.82 -3.02
N VAL B 421 -11.62 -0.95 -2.02
CA VAL B 421 -11.41 -0.35 -0.72
C VAL B 421 -12.25 -1.16 0.27
N GLY B 422 -11.77 -1.33 1.49
CA GLY B 422 -12.47 -2.17 2.44
C GLY B 422 -12.63 -3.58 1.89
N ASN B 423 -13.84 -4.12 2.01
CA ASN B 423 -14.09 -5.51 1.58
C ASN B 423 -13.95 -5.73 0.08
N SER B 424 -14.00 -4.66 -0.72
CA SER B 424 -13.77 -4.80 -2.16
C SER B 424 -12.28 -4.88 -2.50
N GLY B 425 -11.42 -4.56 -1.53
CA GLY B 425 -9.99 -4.81 -1.68
C GLY B 425 -9.06 -3.74 -1.15
N MET B 426 -7.77 -3.93 -1.45
CA MET B 426 -6.71 -2.98 -1.10
C MET B 426 -5.62 -3.03 -2.17
N GLY B 427 -4.90 -1.93 -2.32
CA GLY B 427 -3.93 -1.77 -3.39
C GLY B 427 -4.64 -1.37 -4.68
N SER B 428 -3.85 -1.05 -5.71
CA SER B 428 -4.39 -0.74 -7.02
C SER B 428 -3.35 -0.96 -8.09
N TYR B 429 -3.80 -1.07 -9.34
CA TYR B 429 -2.90 -1.23 -10.47
C TYR B 429 -3.54 -0.71 -11.76
N HIS B 430 -2.90 -1.00 -12.90
CA HIS B 430 -3.17 -0.42 -14.22
C HIS B 430 -2.31 0.81 -14.45
N GLY B 431 -1.78 0.92 -15.65
CA GLY B 431 -0.98 2.06 -16.06
C GLY B 431 0.24 2.27 -15.19
N LYS B 432 0.46 3.53 -14.81
CA LYS B 432 1.57 3.90 -13.93
C LYS B 432 1.48 3.21 -12.57
N LYS B 433 0.26 2.97 -12.10
CA LYS B 433 0.07 2.40 -10.77
C LYS B 433 0.52 0.94 -10.70
N SER B 434 0.38 0.20 -11.79
CA SER B 434 0.97 -1.12 -11.88
C SER B 434 2.48 -1.06 -11.66
N PHE B 435 3.15 -0.13 -12.33
CA PHE B 435 4.59 0.02 -12.20
C PHE B 435 4.99 0.37 -10.77
N GLU B 436 4.23 1.26 -10.13
CA GLU B 436 4.51 1.62 -8.74
C GLU B 436 4.23 0.46 -7.80
N THR B 437 3.10 -0.21 -8.01
CA THR B 437 2.69 -1.33 -7.16
C THR B 437 3.71 -2.46 -7.16
N PHE B 438 4.32 -2.73 -8.31
CA PHE B 438 5.27 -3.83 -8.43
C PHE B 438 6.73 -3.38 -8.31
N SER B 439 6.93 -2.15 -7.86
CA SER B 439 8.26 -1.65 -7.54
C SER B 439 8.30 -1.29 -6.07
N HIS B 440 9.51 -1.14 -5.53
CA HIS B 440 9.68 -0.40 -4.31
C HIS B 440 10.19 0.99 -4.68
N ARG B 441 9.51 2.02 -4.18
CA ARG B 441 9.90 3.41 -4.41
C ARG B 441 10.75 3.87 -3.24
N ARG B 442 12.03 4.08 -3.54
CA ARG B 442 13.08 4.19 -2.54
C ARG B 442 13.60 5.62 -2.44
N SER B 443 13.35 6.26 -1.31
CA SER B 443 13.81 7.63 -1.07
C SER B 443 15.33 7.68 -0.91
N CYS B 444 15.97 8.58 -1.66
CA CYS B 444 17.43 8.71 -1.65
C CYS B 444 17.88 10.12 -1.36
N LEU B 445 18.77 10.27 -0.39
CA LEU B 445 19.45 11.54 -0.13
C LEU B 445 20.95 11.36 -0.34
N VAL B 446 21.51 12.11 -1.28
CA VAL B 446 22.93 12.03 -1.60
C VAL B 446 23.59 13.37 -1.29
N ARG B 447 24.38 13.42 -0.21
CA ARG B 447 25.09 14.64 0.17
C ARG B 447 26.54 14.61 -0.28
N PRO B 448 27.13 15.80 -0.48
CA PRO B 448 28.58 15.88 -0.61
C PRO B 448 29.27 15.54 0.70
N LEU B 449 30.36 14.77 0.65
CA LEU B 449 31.17 14.48 1.83
C LEU B 449 32.20 15.59 2.01
N MET B 450 31.72 16.75 2.44
CA MET B 450 32.56 17.94 2.63
C MET B 450 32.09 18.63 3.89
N ASN B 451 33.03 19.11 4.70
CA ASN B 451 32.69 19.82 5.93
C ASN B 451 31.57 20.84 5.69
N ASP B 452 30.53 20.78 6.51
CA ASP B 452 29.44 21.75 6.46
C ASP B 452 29.19 22.30 7.86
N GLU B 453 29.52 23.57 8.04
CA GLU B 453 29.34 24.26 9.32
C GLU B 453 27.89 24.28 9.75
N GLY B 454 26.99 24.45 8.79
CA GLY B 454 25.55 24.43 9.06
C GLY B 454 25.06 23.19 9.79
N LEU B 455 25.76 22.08 9.62
CA LEU B 455 25.37 20.83 10.28
C LEU B 455 25.88 20.73 11.72
N LYS B 456 26.82 21.57 12.12
CA LYS B 456 27.43 21.45 13.45
C LYS B 456 26.47 21.76 14.59
N VAL B 457 25.42 22.52 14.33
CA VAL B 457 24.39 22.78 15.34
C VAL B 457 23.80 21.47 15.89
N ARG B 458 23.74 20.43 15.06
CA ARG B 458 23.10 19.18 15.47
C ARG B 458 23.94 18.31 16.44
N TYR B 459 25.26 18.47 16.43
CA TYR B 459 26.15 17.59 17.22
C TYR B 459 26.19 17.94 18.70
N PRO B 460 26.29 16.92 19.58
CA PRO B 460 26.55 17.23 20.98
C PRO B 460 27.96 17.82 21.14
N PRO B 461 28.19 18.56 22.24
CA PRO B 461 27.23 18.87 23.29
C PRO B 461 26.21 19.91 22.85
N SER B 462 24.97 19.79 23.35
CA SER B 462 23.93 20.75 23.06
C SER B 462 24.20 22.06 23.82
N PRO B 463 23.60 23.18 23.37
CA PRO B 463 23.78 24.44 24.10
C PRO B 463 23.32 24.32 25.56
N ALA B 464 24.10 24.85 26.49
CA ALA B 464 23.76 24.79 27.91
C ALA B 464 22.55 25.65 28.24
N LYS B 465 22.41 26.75 27.50
CA LYS B 465 21.25 27.64 27.60
C LYS B 465 20.29 27.39 26.44
N MET B 466 19.01 27.22 26.75
CA MET B 466 17.98 27.07 25.72
C MET B 466 17.63 28.44 25.13
N THR B 467 17.01 28.43 23.95
CA THR B 467 16.50 29.63 23.31
C THR B 467 15.08 29.40 22.77
N GLN B 468 14.41 30.49 22.40
CA GLN B 468 13.02 30.44 21.95
C GLN B 468 12.84 29.63 20.66
N HIS B 469 11.64 29.07 20.49
CA HIS B 469 11.29 28.33 19.28
C HIS B 469 10.42 29.20 18.38
#